data_2C0Q
#
_entry.id   2C0Q
#
_cell.length_a   79.620
_cell.length_b   112.940
_cell.length_c   226.160
_cell.angle_alpha   90.00
_cell.angle_beta   90.00
_cell.angle_gamma   90.00
#
_symmetry.space_group_name_H-M   'P 21 21 21'
#
loop_
_entity.id
_entity.type
_entity.pdbx_description
1 polymer ACETYLCHOLINESTERASE
2 non-polymer 'R-ETHYL N,N-DIMETHYLPHOSPHONAMIDATE'
3 non-polymer 'HEXAETHYLENE GLYCOL'
4 water water
#
_entity_poly.entity_id   1
_entity_poly.type   'polypeptide(L)'
_entity_poly.pdbx_seq_one_letter_code
;EGREDPQLLVRVRGGQLRGIRLKAPGGPVSAFLGIPFAEPPVGSRRFMPPEPKRPWSGVLDATTFQNVCYQYVDTLYPGF
EGTEMWNPNRELSEDCLYLNVWTPYPRPASPTPVLIWIYGGGFYSGAASLDVYDGRFLAQVEGAVLVSMNYRVGTFGFLA
LPGSREAPGNVGLLDQRLALQWVQENIAAFGGDPMSVTLFGESAGAASVGMHILSLPSRSLFHRAVLQSGTPNGPWATVS
AGEARRRATLLARLVGCPPGGAGGNDTELIACLRTRPAQDLVDHEWHVLPQESIFRFSFVPVVDGDFLSDTPEALINTGD
FQDLQVLVGVVKDEGSYFLVYGVPGFSKDNESLISRAQFLAGVRIGVPQASDLAAEAVVLHYTDWLHPEDPTHLRDAMSA
VVGDHNVVCPVAQLAGRLAAQGARVYAYIFEHRASTLTWPLWMGVPHGYEIEFIFGLPLDPSLNYTTEERIFAQRLMKYW
TNFARTGDPNDPRDSKSPQWPPYTTAAQQYVSLNLKPLEVRRGLRAQTCAFWNRFLPKLLSATATEAP
;
_entity_poly.pdbx_strand_id   A,B
#
loop_
_chem_comp.id
_chem_comp.type
_chem_comp.name
_chem_comp.formula
NTJ non-polymer 'R-ETHYL N,N-DIMETHYLPHOSPHONAMIDATE' 'C4 H12 N O2 P'
P6G non-polymer 'HEXAETHYLENE GLYCOL' 'C12 H26 O7'
#
# COMPACT_ATOMS: atom_id res chain seq x y z
N GLU A 1 -37.15 -54.27 21.09
CA GLU A 1 -37.91 -53.68 19.94
C GLU A 1 -39.19 -54.46 19.64
N GLY A 2 -39.90 -54.08 18.57
CA GLY A 2 -41.07 -54.83 18.13
C GLY A 2 -42.19 -53.88 17.81
N ARG A 3 -42.43 -52.93 18.71
CA ARG A 3 -43.53 -51.98 18.57
C ARG A 3 -43.14 -50.56 18.13
N GLU A 4 -41.93 -50.39 17.60
CA GLU A 4 -41.42 -49.05 17.28
C GLU A 4 -40.95 -48.89 15.83
N ASP A 5 -40.64 -47.66 15.47
CA ASP A 5 -40.35 -47.31 14.08
C ASP A 5 -39.15 -48.09 13.56
N PRO A 6 -39.37 -48.99 12.58
CA PRO A 6 -38.26 -49.70 11.90
C PRO A 6 -37.15 -48.85 11.25
N GLN A 7 -37.41 -47.61 10.85
CA GLN A 7 -36.33 -46.79 10.26
C GLN A 7 -35.33 -46.23 11.24
N LEU A 8 -35.60 -46.39 12.53
CA LEU A 8 -34.87 -45.69 13.57
C LEU A 8 -33.94 -46.58 14.38
N LEU A 9 -33.89 -47.86 14.04
CA LEU A 9 -32.97 -48.77 14.71
C LEU A 9 -31.80 -49.08 13.78
N VAL A 10 -30.61 -48.74 14.24
CA VAL A 10 -29.37 -48.97 13.51
C VAL A 10 -28.35 -49.64 14.46
N ARG A 11 -27.48 -50.48 13.88
CA ARG A 11 -26.36 -51.04 14.61
C ARG A 11 -25.10 -50.40 14.09
N VAL A 12 -24.25 -49.95 15.01
CA VAL A 12 -22.89 -49.55 14.69
C VAL A 12 -21.92 -50.47 15.44
N ARG A 13 -20.63 -50.31 15.15
CA ARG A 13 -19.56 -51.18 15.66
C ARG A 13 -19.61 -51.35 17.18
N GLY A 14 -20.16 -50.39 17.92
CA GLY A 14 -20.21 -50.46 19.36
C GLY A 14 -21.55 -50.91 19.93
N GLY A 15 -22.58 -50.98 19.10
CA GLY A 15 -23.88 -51.43 19.59
C GLY A 15 -25.10 -50.93 18.83
N GLN A 16 -26.26 -51.04 19.48
CA GLN A 16 -27.54 -50.68 18.89
C GLN A 16 -27.91 -49.26 19.23
N LEU A 17 -28.49 -48.53 18.26
CA LEU A 17 -28.98 -47.15 18.51
C LEU A 17 -30.42 -46.98 18.09
N ARG A 18 -31.15 -46.16 18.83
CA ARG A 18 -32.49 -45.76 18.46
C ARG A 18 -32.39 -44.27 18.15
N GLY A 19 -32.72 -43.90 16.93
CA GLY A 19 -32.72 -42.51 16.53
C GLY A 19 -34.10 -41.92 16.72
N ILE A 20 -34.29 -40.71 16.23
CA ILE A 20 -35.57 -40.03 16.31
C ILE A 20 -35.98 -39.52 14.92
N ARG A 21 -37.29 -39.56 14.64
CA ARG A 21 -37.86 -39.02 13.42
C ARG A 21 -38.15 -37.55 13.69
N LEU A 22 -37.65 -36.67 12.83
CA LEU A 22 -37.76 -35.24 13.08
C LEU A 22 -38.49 -34.55 11.94
N LYS A 23 -39.21 -33.46 12.24
CA LYS A 23 -39.89 -32.68 11.19
C LYS A 23 -38.95 -31.67 10.56
N ALA A 24 -38.84 -31.70 9.25
CA ALA A 24 -38.29 -30.59 8.50
C ALA A 24 -39.44 -29.95 7.72
N PRO A 25 -39.23 -28.72 7.24
CA PRO A 25 -40.19 -28.04 6.38
C PRO A 25 -40.84 -28.96 5.33
N GLY A 26 -40.04 -29.68 4.55
CA GLY A 26 -40.57 -30.46 3.45
C GLY A 26 -40.76 -31.94 3.71
N GLY A 27 -40.71 -32.37 4.98
CA GLY A 27 -40.88 -33.77 5.34
C GLY A 27 -39.97 -34.22 6.46
N PRO A 28 -40.06 -35.50 6.86
CA PRO A 28 -39.30 -36.05 7.99
C PRO A 28 -37.82 -36.35 7.69
N VAL A 29 -36.98 -36.32 8.74
CA VAL A 29 -35.58 -36.79 8.67
C VAL A 29 -35.26 -37.75 9.81
N SER A 30 -34.21 -38.56 9.62
CA SER A 30 -33.73 -39.40 10.70
C SER A 30 -32.59 -38.70 11.44
N ALA A 31 -32.68 -38.61 12.75
CA ALA A 31 -31.55 -38.11 13.53
C ALA A 31 -31.08 -39.10 14.60
N PHE A 32 -29.78 -39.35 14.64
CA PHE A 32 -29.17 -40.13 15.71
C PHE A 32 -28.26 -39.18 16.43
N LEU A 33 -28.67 -38.80 17.64
CA LEU A 33 -28.03 -37.71 18.36
C LEU A 33 -27.35 -38.24 19.62
N GLY A 34 -26.13 -37.77 19.85
CA GLY A 34 -25.41 -38.15 21.05
C GLY A 34 -24.91 -39.57 21.06
N ILE A 35 -24.38 -40.02 19.92
CA ILE A 35 -23.73 -41.31 19.82
C ILE A 35 -22.32 -41.16 20.39
N PRO A 36 -21.97 -41.92 21.44
CA PRO A 36 -20.61 -41.75 21.99
C PRO A 36 -19.59 -42.35 21.04
N PHE A 37 -18.49 -41.64 20.78
CA PHE A 37 -17.44 -42.18 19.92
C PHE A 37 -16.13 -42.40 20.68
N ALA A 38 -16.09 -42.00 21.94
CA ALA A 38 -14.88 -42.13 22.75
C ALA A 38 -15.22 -42.49 24.17
N GLU A 39 -14.23 -43.00 24.89
CA GLU A 39 -14.41 -43.17 26.31
C GLU A 39 -14.44 -41.78 26.93
N PRO A 40 -15.29 -41.57 27.94
CA PRO A 40 -15.35 -40.21 28.45
C PRO A 40 -13.99 -39.74 28.91
N PRO A 41 -13.47 -38.64 28.32
CA PRO A 41 -12.11 -38.20 28.67
C PRO A 41 -12.04 -37.56 30.06
N VAL A 42 -12.48 -38.28 31.08
CA VAL A 42 -12.49 -37.72 32.43
C VAL A 42 -11.38 -38.32 33.34
N GLY A 43 -11.29 -37.77 34.56
CA GLY A 43 -10.44 -38.29 35.60
C GLY A 43 -9.02 -38.32 35.11
N SER A 44 -8.42 -39.51 35.06
CA SER A 44 -7.03 -39.62 34.62
C SER A 44 -6.86 -39.45 33.12
N ARG A 45 -7.97 -39.34 32.39
CA ARG A 45 -7.88 -39.22 30.93
C ARG A 45 -7.88 -37.77 30.43
N ARG A 46 -8.03 -36.82 31.36
CA ARG A 46 -8.02 -35.39 31.03
C ARG A 46 -6.65 -35.00 30.44
N PHE A 47 -6.66 -34.25 29.32
CA PHE A 47 -5.45 -33.87 28.57
C PHE A 47 -4.89 -34.99 27.67
N MET A 48 -5.50 -36.16 27.74
CA MET A 48 -5.01 -37.30 26.95
C MET A 48 -5.79 -37.61 25.68
N PRO A 49 -5.14 -38.24 24.70
CA PRO A 49 -5.78 -38.67 23.46
C PRO A 49 -7.07 -39.41 23.74
N PRO A 50 -8.03 -39.32 22.81
CA PRO A 50 -9.25 -40.06 23.04
C PRO A 50 -8.99 -41.53 22.84
N GLU A 51 -9.68 -42.34 23.63
CA GLU A 51 -9.71 -43.76 23.43
C GLU A 51 -11.06 -44.11 22.81
N PRO A 52 -11.06 -45.01 21.81
CA PRO A 52 -12.33 -45.46 21.20
C PRO A 52 -13.34 -45.94 22.24
N LYS A 53 -14.60 -45.64 21.99
CA LYS A 53 -15.70 -46.03 22.89
C LYS A 53 -15.86 -47.55 22.92
N ARG A 54 -15.66 -48.13 24.10
CA ARG A 54 -15.95 -49.54 24.36
C ARG A 54 -17.42 -49.88 24.07
N PRO A 55 -17.69 -50.99 23.38
CA PRO A 55 -19.08 -51.41 23.08
C PRO A 55 -20.00 -51.44 24.29
N TRP A 56 -21.27 -51.23 24.05
CA TRP A 56 -22.24 -51.13 25.13
C TRP A 56 -23.28 -52.20 24.91
N SER A 57 -24.07 -52.49 25.94
CA SER A 57 -25.17 -53.43 25.73
C SER A 57 -26.54 -52.73 25.62
N GLY A 58 -27.49 -53.43 24.99
CA GLY A 58 -28.83 -52.90 24.80
C GLY A 58 -28.90 -51.87 23.69
N VAL A 59 -30.03 -51.18 23.60
CA VAL A 59 -30.20 -50.19 22.56
C VAL A 59 -29.90 -48.85 23.20
N LEU A 60 -28.85 -48.19 22.72
CA LEU A 60 -28.49 -46.87 23.21
C LEU A 60 -29.47 -45.87 22.65
N ASP A 61 -30.01 -45.06 23.53
CA ASP A 61 -30.92 -44.02 23.13
C ASP A 61 -30.19 -42.81 22.54
N ALA A 62 -30.38 -42.60 21.24
CA ALA A 62 -29.72 -41.50 20.52
C ALA A 62 -30.75 -40.48 19.97
N THR A 63 -31.58 -39.96 20.88
CA THR A 63 -32.69 -39.08 20.51
C THR A 63 -32.52 -37.63 20.97
N THR A 64 -31.43 -37.34 21.69
CA THR A 64 -31.16 -35.98 22.11
C THR A 64 -29.67 -35.65 22.07
N PHE A 65 -29.36 -34.36 21.97
CA PHE A 65 -27.98 -33.92 22.04
C PHE A 65 -27.42 -34.26 23.41
N GLN A 66 -26.13 -34.54 23.42
CA GLN A 66 -25.43 -34.86 24.64
C GLN A 66 -24.74 -33.65 25.20
N ASN A 67 -23.94 -33.87 26.25
CA ASN A 67 -23.24 -32.81 26.91
C ASN A 67 -22.40 -32.02 25.94
N VAL A 68 -22.24 -30.75 26.27
CA VAL A 68 -21.29 -29.88 25.62
C VAL A 68 -19.97 -29.93 26.43
N CYS A 69 -18.85 -29.91 25.71
CA CYS A 69 -17.54 -29.93 26.33
C CYS A 69 -17.35 -28.73 27.22
N TYR A 70 -16.63 -28.92 28.32
CA TYR A 70 -16.47 -27.90 29.34
C TYR A 70 -15.78 -26.69 28.76
N GLN A 71 -16.39 -25.52 28.93
CA GLN A 71 -15.87 -24.31 28.29
C GLN A 71 -16.33 -23.03 28.96
N TYR A 72 -15.64 -21.95 28.64
CA TYR A 72 -16.06 -20.60 28.96
C TYR A 72 -17.44 -20.23 28.37
N VAL A 73 -18.35 -19.68 29.18
CA VAL A 73 -19.64 -19.21 28.71
C VAL A 73 -19.63 -17.68 28.68
N ASP A 74 -19.84 -17.11 27.50
CA ASP A 74 -19.82 -15.66 27.36
C ASP A 74 -21.05 -15.02 28.01
N THR A 75 -20.85 -13.91 28.73
CA THR A 75 -21.95 -13.17 29.37
C THR A 75 -21.89 -11.63 29.12
N LEU A 76 -21.00 -11.23 28.20
CA LEU A 76 -20.86 -9.82 27.83
C LEU A 76 -22.21 -9.08 27.67
N TYR A 77 -23.20 -9.75 27.06
CA TYR A 77 -24.47 -9.14 26.73
C TYR A 77 -25.62 -10.10 27.02
N PRO A 78 -26.10 -10.14 28.28
CA PRO A 78 -27.20 -11.02 28.72
C PRO A 78 -28.45 -10.77 27.92
N GLY A 79 -29.18 -11.84 27.60
CA GLY A 79 -30.43 -11.73 26.86
C GLY A 79 -30.23 -11.47 25.38
N PHE A 80 -29.05 -11.01 25.01
CA PHE A 80 -28.76 -10.64 23.62
C PHE A 80 -28.53 -11.84 22.70
N GLU A 81 -29.42 -12.00 21.73
CA GLU A 81 -29.37 -13.11 20.78
C GLU A 81 -28.01 -13.25 20.07
N GLY A 82 -27.49 -12.14 19.56
CA GLY A 82 -26.24 -12.18 18.81
C GLY A 82 -25.09 -12.92 19.47
N THR A 83 -25.03 -12.91 20.81
CA THR A 83 -24.01 -13.65 21.55
C THR A 83 -24.56 -14.97 22.07
N GLU A 84 -25.80 -14.95 22.58
CA GLU A 84 -26.44 -16.13 23.15
C GLU A 84 -26.50 -17.29 22.16
N MET A 85 -26.75 -17.00 20.88
CA MET A 85 -26.82 -18.07 19.89
C MET A 85 -25.58 -19.00 19.86
N TRP A 86 -24.44 -18.54 20.34
CA TRP A 86 -23.21 -19.34 20.30
C TRP A 86 -22.94 -20.08 21.62
N ASN A 87 -23.79 -19.83 22.60
CA ASN A 87 -23.56 -20.33 23.96
C ASN A 87 -24.00 -21.77 24.09
N PRO A 88 -23.35 -22.54 24.97
CA PRO A 88 -23.72 -23.95 25.16
C PRO A 88 -25.20 -24.13 25.40
N ASN A 89 -25.83 -25.12 24.77
CA ASN A 89 -27.26 -25.28 24.92
C ASN A 89 -27.62 -26.64 25.53
N ARG A 90 -26.60 -27.27 26.11
CA ARG A 90 -26.74 -28.50 26.88
C ARG A 90 -25.76 -28.42 28.04
N GLU A 91 -25.87 -29.32 28.98
CA GLU A 91 -25.04 -29.30 30.17
C GLU A 91 -23.54 -29.30 29.88
N LEU A 92 -22.78 -28.44 30.55
CA LEU A 92 -21.33 -28.50 30.46
C LEU A 92 -20.76 -29.66 31.26
N SER A 93 -20.02 -30.54 30.59
CA SER A 93 -19.37 -31.66 31.23
C SER A 93 -18.13 -32.07 30.44
N GLU A 94 -17.19 -32.70 31.14
CA GLU A 94 -15.96 -33.18 30.48
C GLU A 94 -16.28 -34.44 29.72
N ASP A 95 -17.38 -35.07 30.10
CA ASP A 95 -17.88 -36.26 29.42
C ASP A 95 -18.76 -35.73 28.28
N CYS A 96 -18.10 -35.43 27.16
CA CYS A 96 -18.75 -34.74 26.06
C CYS A 96 -18.41 -35.29 24.67
N LEU A 97 -17.68 -36.40 24.61
CA LEU A 97 -17.23 -36.91 23.34
C LEU A 97 -18.36 -37.73 22.71
N TYR A 98 -19.34 -37.01 22.17
CA TYR A 98 -20.46 -37.61 21.45
C TYR A 98 -20.57 -36.99 20.07
N LEU A 99 -21.24 -37.68 19.15
CA LEU A 99 -21.46 -37.13 17.82
C LEU A 99 -22.92 -37.32 17.37
N ASN A 100 -23.27 -36.69 16.24
CA ASN A 100 -24.65 -36.67 15.73
C ASN A 100 -24.74 -37.00 14.24
N VAL A 101 -25.77 -37.75 13.86
CA VAL A 101 -25.97 -38.09 12.45
C VAL A 101 -27.39 -37.70 11.99
N TRP A 102 -27.48 -36.99 10.86
CA TRP A 102 -28.76 -36.75 10.19
C TRP A 102 -28.70 -37.42 8.82
N THR A 103 -29.76 -38.15 8.48
CA THR A 103 -29.93 -38.77 7.18
C THR A 103 -31.38 -38.60 6.83
N PRO A 104 -31.72 -38.71 5.54
CA PRO A 104 -33.11 -38.77 5.07
C PRO A 104 -33.97 -39.81 5.78
N TYR A 105 -35.27 -39.71 5.54
CA TYR A 105 -36.24 -40.64 6.05
C TYR A 105 -37.15 -40.96 4.88
N PRO A 106 -37.16 -42.22 4.45
CA PRO A 106 -36.37 -43.32 4.98
C PRO A 106 -34.90 -43.17 4.58
N ARG A 107 -33.98 -43.86 5.29
CA ARG A 107 -32.56 -43.83 4.90
C ARG A 107 -32.43 -44.21 3.42
N PRO A 108 -31.49 -43.59 2.70
CA PRO A 108 -31.37 -43.93 1.27
C PRO A 108 -30.85 -45.34 1.01
N ALA A 109 -31.35 -45.98 -0.04
CA ALA A 109 -30.91 -47.35 -0.42
C ALA A 109 -29.48 -47.35 -0.98
N SER A 110 -29.18 -46.42 -1.90
CA SER A 110 -27.84 -46.26 -2.42
C SER A 110 -26.99 -45.34 -1.51
N PRO A 111 -25.68 -45.64 -1.35
CA PRO A 111 -24.77 -44.81 -0.54
C PRO A 111 -24.77 -43.34 -0.97
N THR A 112 -24.79 -42.45 0.01
CA THR A 112 -24.92 -41.01 -0.17
C THR A 112 -23.71 -40.30 0.38
N PRO A 113 -23.25 -39.25 -0.32
CA PRO A 113 -22.18 -38.38 0.15
C PRO A 113 -22.41 -37.86 1.58
N VAL A 114 -21.34 -37.90 2.38
CA VAL A 114 -21.37 -37.52 3.77
C VAL A 114 -20.67 -36.17 3.96
N LEU A 115 -21.31 -35.29 4.71
CA LEU A 115 -20.77 -33.99 5.05
C LEU A 115 -20.53 -33.99 6.55
N ILE A 116 -19.29 -33.75 6.96
CA ILE A 116 -18.95 -33.71 8.39
C ILE A 116 -18.63 -32.29 8.84
N TRP A 117 -19.39 -31.79 9.82
CA TRP A 117 -19.25 -30.42 10.29
C TRP A 117 -18.31 -30.34 11.46
N ILE A 118 -17.39 -29.40 11.41
CA ILE A 118 -16.53 -29.12 12.56
C ILE A 118 -16.74 -27.66 13.05
N TYR A 119 -17.42 -27.51 14.18
CA TYR A 119 -17.78 -26.18 14.66
C TYR A 119 -16.59 -25.31 15.07
N GLY A 120 -16.80 -23.98 15.04
CA GLY A 120 -15.80 -23.01 15.51
C GLY A 120 -16.05 -22.59 16.95
N GLY A 121 -15.36 -21.53 17.38
CA GLY A 121 -15.41 -21.11 18.78
C GLY A 121 -14.02 -20.84 19.35
N GLY A 122 -13.08 -20.57 18.45
CA GLY A 122 -11.74 -20.16 18.76
C GLY A 122 -10.91 -21.20 19.48
N PHE A 123 -11.38 -22.45 19.47
CA PHE A 123 -10.72 -23.55 20.21
C PHE A 123 -10.94 -23.47 21.73
N TYR A 124 -11.83 -22.56 22.18
CA TYR A 124 -12.20 -22.44 23.60
C TYR A 124 -13.71 -22.61 23.82
N SER A 125 -14.48 -22.72 22.75
CA SER A 125 -15.92 -22.93 22.87
C SER A 125 -16.49 -23.65 21.64
N GLY A 126 -17.78 -23.92 21.70
CA GLY A 126 -18.49 -24.50 20.60
C GLY A 126 -19.16 -25.79 20.97
N ALA A 127 -20.05 -26.24 20.07
CA ALA A 127 -20.91 -27.38 20.37
C ALA A 127 -21.63 -27.82 19.11
N ALA A 128 -21.78 -29.12 18.91
CA ALA A 128 -22.36 -29.58 17.64
C ALA A 128 -23.87 -29.41 17.67
N SER A 129 -24.39 -29.01 18.83
CA SER A 129 -25.79 -29.04 19.11
C SER A 129 -26.45 -27.65 19.05
N LEU A 130 -25.72 -26.62 18.62
CA LEU A 130 -26.35 -25.30 18.42
C LEU A 130 -27.36 -25.32 17.26
N ASP A 131 -28.43 -24.54 17.38
CA ASP A 131 -29.50 -24.48 16.35
C ASP A 131 -28.98 -24.25 14.95
N VAL A 132 -28.00 -23.35 14.82
CA VAL A 132 -27.46 -23.06 13.50
C VAL A 132 -26.64 -24.17 12.89
N TYR A 133 -26.49 -25.29 13.58
CA TYR A 133 -25.79 -26.41 12.96
C TYR A 133 -26.77 -27.56 12.73
N ASP A 134 -28.07 -27.25 12.77
CA ASP A 134 -29.09 -28.27 12.62
C ASP A 134 -29.01 -28.93 11.25
N GLY A 135 -28.69 -30.22 11.25
CA GLY A 135 -28.47 -30.93 10.01
C GLY A 135 -29.72 -31.33 9.24
N ARG A 136 -30.89 -31.22 9.87
CA ARG A 136 -32.14 -31.69 9.24
C ARG A 136 -32.44 -31.12 7.84
N PHE A 137 -32.09 -29.86 7.57
CA PHE A 137 -32.43 -29.23 6.30
C PHE A 137 -31.58 -29.78 5.16
N LEU A 138 -30.28 -29.90 5.38
CA LEU A 138 -29.40 -30.48 4.38
C LEU A 138 -29.72 -31.95 4.17
N ALA A 139 -30.22 -32.60 5.22
CA ALA A 139 -30.62 -33.99 5.13
C ALA A 139 -31.93 -34.12 4.34
N GLN A 140 -32.94 -33.32 4.69
CA GLN A 140 -34.23 -33.42 4.05
C GLN A 140 -34.16 -32.89 2.60
N VAL A 141 -33.62 -31.68 2.42
CA VAL A 141 -33.69 -31.01 1.11
C VAL A 141 -32.70 -31.56 0.08
N GLU A 142 -31.46 -31.85 0.50
CA GLU A 142 -30.43 -32.31 -0.43
C GLU A 142 -30.10 -33.79 -0.33
N GLY A 143 -30.77 -34.50 0.60
CA GLY A 143 -30.55 -35.92 0.79
C GLY A 143 -29.16 -36.26 1.32
N ALA A 144 -28.49 -35.28 1.93
CA ALA A 144 -27.15 -35.49 2.51
C ALA A 144 -27.20 -36.34 3.78
N VAL A 145 -26.10 -37.03 4.06
CA VAL A 145 -25.86 -37.54 5.41
C VAL A 145 -24.95 -36.52 6.08
N LEU A 146 -25.42 -35.92 7.17
CA LEU A 146 -24.61 -34.92 7.84
C LEU A 146 -24.19 -35.48 9.18
N VAL A 147 -22.92 -35.30 9.52
CA VAL A 147 -22.37 -35.75 10.79
C VAL A 147 -21.66 -34.60 11.45
N SER A 148 -21.89 -34.41 12.75
CA SER A 148 -21.19 -33.42 13.54
C SER A 148 -20.75 -34.01 14.88
N MET A 149 -19.56 -33.62 15.33
CA MET A 149 -18.99 -34.15 16.59
C MET A 149 -18.66 -33.06 17.56
N ASN A 150 -18.67 -33.42 18.84
CA ASN A 150 -18.10 -32.59 19.89
C ASN A 150 -16.65 -32.92 19.95
N TYR A 151 -15.81 -31.92 20.21
CA TYR A 151 -14.41 -32.17 20.47
C TYR A 151 -14.01 -31.24 21.58
N ARG A 152 -12.99 -31.61 22.34
CA ARG A 152 -12.59 -30.86 23.50
C ARG A 152 -11.99 -29.54 23.10
N VAL A 153 -12.36 -28.52 23.86
CA VAL A 153 -11.89 -27.18 23.63
C VAL A 153 -11.13 -26.69 24.87
N GLY A 154 -10.56 -25.49 24.75
CA GLY A 154 -9.85 -24.88 25.86
C GLY A 154 -8.68 -25.72 26.32
N THR A 155 -8.38 -25.64 27.61
CA THR A 155 -7.35 -26.49 28.21
C THR A 155 -7.62 -27.96 27.96
N PHE A 156 -8.87 -28.38 28.10
CA PHE A 156 -9.19 -29.82 28.05
C PHE A 156 -8.80 -30.40 26.72
N GLY A 157 -8.89 -29.60 25.67
CA GLY A 157 -8.57 -30.12 24.38
C GLY A 157 -7.19 -29.71 23.92
N PHE A 158 -6.64 -28.66 24.54
CA PHE A 158 -5.41 -28.09 23.97
C PHE A 158 -4.22 -27.81 24.89
N LEU A 159 -4.43 -27.85 26.20
CA LEU A 159 -3.28 -27.67 27.09
C LEU A 159 -2.19 -28.69 26.77
N ALA A 160 -0.97 -28.24 26.56
CA ALA A 160 0.08 -29.19 26.17
C ALA A 160 1.35 -28.96 26.92
N LEU A 161 1.95 -30.04 27.41
CA LEU A 161 3.39 -30.02 27.71
C LEU A 161 4.11 -30.82 26.63
N PRO A 162 4.50 -30.14 25.53
CA PRO A 162 4.98 -30.86 24.34
C PRO A 162 6.13 -31.81 24.72
N GLY A 163 6.07 -33.06 24.26
CA GLY A 163 7.08 -34.03 24.63
C GLY A 163 6.64 -34.94 25.75
N SER A 164 5.73 -34.50 26.61
CA SER A 164 5.26 -35.36 27.70
C SER A 164 4.33 -36.46 27.18
N ARG A 165 4.11 -37.47 28.01
CA ARG A 165 3.24 -38.59 27.67
C ARG A 165 1.79 -38.24 28.02
N GLU A 166 1.65 -37.46 29.10
CA GLU A 166 0.39 -37.21 29.79
C GLU A 166 -0.39 -35.97 29.34
N ALA A 167 0.26 -35.08 28.58
CA ALA A 167 -0.42 -33.97 27.91
C ALA A 167 0.29 -33.59 26.61
N PRO A 168 0.15 -34.42 25.57
CA PRO A 168 0.90 -34.14 24.34
C PRO A 168 0.35 -32.94 23.54
N GLY A 169 -0.84 -32.45 23.88
CA GLY A 169 -1.49 -31.41 23.08
C GLY A 169 -2.17 -31.94 21.82
N ASN A 170 -2.88 -31.05 21.14
CA ASN A 170 -3.71 -31.40 19.99
C ASN A 170 -4.78 -32.46 20.22
N VAL A 171 -5.11 -32.76 21.48
CA VAL A 171 -6.04 -33.88 21.69
C VAL A 171 -7.44 -33.58 21.19
N GLY A 172 -7.80 -32.29 21.14
CA GLY A 172 -9.08 -31.88 20.54
C GLY A 172 -9.09 -32.22 19.06
N LEU A 173 -7.95 -32.06 18.41
CA LEU A 173 -7.82 -32.44 17.01
C LEU A 173 -7.99 -33.95 16.86
N LEU A 174 -7.49 -34.67 17.85
CA LEU A 174 -7.61 -36.11 17.90
C LEU A 174 -9.03 -36.57 18.11
N ASP A 175 -9.80 -35.91 18.97
CA ASP A 175 -11.24 -36.22 19.10
C ASP A 175 -11.94 -36.10 17.73
N GLN A 176 -11.62 -35.06 16.99
CA GLN A 176 -12.15 -34.84 15.67
C GLN A 176 -11.79 -36.03 14.77
N ARG A 177 -10.51 -36.40 14.80
CA ARG A 177 -9.99 -37.54 14.04
C ARG A 177 -10.65 -38.86 14.42
N LEU A 178 -10.89 -39.06 15.70
CA LEU A 178 -11.54 -40.28 16.14
C LEU A 178 -12.98 -40.35 15.56
N ALA A 179 -13.72 -39.24 15.60
CA ALA A 179 -15.04 -39.15 14.96
C ALA A 179 -14.95 -39.38 13.43
N LEU A 180 -13.86 -38.94 12.79
CA LEU A 180 -13.71 -39.23 11.37
C LEU A 180 -13.51 -40.75 11.14
N GLN A 181 -12.72 -41.39 12.01
CA GLN A 181 -12.56 -42.83 11.96
C GLN A 181 -13.88 -43.57 12.19
N TRP A 182 -14.60 -43.16 13.24
CA TRP A 182 -15.97 -43.65 13.45
C TRP A 182 -16.84 -43.54 12.17
N VAL A 183 -16.65 -42.50 11.37
CA VAL A 183 -17.50 -42.33 10.21
C VAL A 183 -17.10 -43.37 9.16
N GLN A 184 -15.79 -43.53 8.95
CA GLN A 184 -15.28 -44.53 8.02
C GLN A 184 -15.87 -45.91 8.30
N GLU A 185 -15.85 -46.34 9.56
CA GLU A 185 -16.31 -47.68 9.86
C GLU A 185 -17.83 -47.83 9.92
N ASN A 186 -18.54 -46.77 10.31
CA ASN A 186 -19.97 -46.94 10.63
C ASN A 186 -20.96 -46.21 9.76
N ILE A 187 -20.53 -45.20 9.00
CA ILE A 187 -21.52 -44.38 8.30
C ILE A 187 -22.40 -45.18 7.34
N ALA A 188 -21.85 -46.25 6.76
CA ALA A 188 -22.60 -47.09 5.83
C ALA A 188 -23.87 -47.64 6.46
N ALA A 189 -23.81 -47.99 7.74
CA ALA A 189 -25.01 -48.38 8.46
C ALA A 189 -26.14 -47.38 8.21
N PHE A 190 -25.80 -46.13 7.95
CA PHE A 190 -26.84 -45.10 7.84
C PHE A 190 -27.16 -44.79 6.39
N GLY A 191 -26.53 -45.53 5.48
CA GLY A 191 -26.61 -45.24 4.06
C GLY A 191 -25.64 -44.16 3.63
N GLY A 192 -24.72 -43.80 4.52
CA GLY A 192 -23.62 -42.92 4.12
C GLY A 192 -22.58 -43.63 3.26
N ASP A 193 -21.92 -42.87 2.38
CA ASP A 193 -20.85 -43.38 1.56
C ASP A 193 -19.48 -42.95 2.12
N PRO A 194 -18.77 -43.88 2.79
CA PRO A 194 -17.46 -43.55 3.39
C PRO A 194 -16.39 -43.09 2.40
N MET A 195 -16.64 -43.29 1.11
CA MET A 195 -15.67 -42.99 0.05
C MET A 195 -15.95 -41.62 -0.51
N SER A 196 -16.93 -40.97 0.09
CA SER A 196 -17.28 -39.61 -0.28
C SER A 196 -17.64 -38.82 0.98
N VAL A 197 -16.58 -38.42 1.69
CA VAL A 197 -16.65 -37.70 2.96
C VAL A 197 -16.03 -36.29 2.76
N THR A 198 -16.83 -35.27 2.99
CA THR A 198 -16.38 -33.88 2.87
C THR A 198 -16.39 -33.21 4.24
N LEU A 199 -15.24 -32.70 4.68
CA LEU A 199 -15.17 -31.89 5.90
C LEU A 199 -15.55 -30.43 5.59
N PHE A 200 -16.51 -29.87 6.33
CA PHE A 200 -16.68 -28.41 6.36
C PHE A 200 -16.70 -27.88 7.77
N GLY A 201 -16.11 -26.71 7.95
CA GLY A 201 -16.08 -26.07 9.24
C GLY A 201 -15.89 -24.58 9.10
N GLU A 202 -16.21 -23.86 10.17
CA GLU A 202 -16.09 -22.40 10.14
C GLU A 202 -15.21 -21.90 11.29
N SER A 203 -14.42 -20.87 11.03
CA SER A 203 -13.44 -20.29 11.98
C SER A 203 -12.41 -21.30 12.61
N ALA A 204 -12.49 -21.63 13.90
CA ALA A 204 -11.56 -22.69 14.40
C ALA A 204 -11.93 -24.04 13.78
N GLY A 205 -13.18 -24.17 13.33
CA GLY A 205 -13.61 -25.36 12.60
C GLY A 205 -12.89 -25.42 11.27
N ALA A 206 -12.78 -24.28 10.64
CA ALA A 206 -12.08 -24.24 9.34
C ALA A 206 -10.60 -24.50 9.54
N ALA A 207 -10.01 -23.89 10.56
CA ALA A 207 -8.62 -24.13 10.85
C ALA A 207 -8.46 -25.61 11.17
N SER A 208 -9.37 -26.16 11.98
CA SER A 208 -9.40 -27.62 12.16
C SER A 208 -9.38 -28.40 10.83
N VAL A 209 -10.31 -28.13 9.91
CA VAL A 209 -10.34 -28.84 8.62
C VAL A 209 -8.96 -28.85 7.95
N GLY A 210 -8.31 -27.69 7.91
CA GLY A 210 -6.98 -27.51 7.32
C GLY A 210 -5.90 -28.27 8.07
N MET A 211 -6.04 -28.41 9.40
CA MET A 211 -5.12 -29.26 10.13
C MET A 211 -5.22 -30.69 9.61
N HIS A 212 -6.44 -31.17 9.34
CA HIS A 212 -6.59 -32.53 8.88
C HIS A 212 -6.04 -32.66 7.48
N ILE A 213 -6.17 -31.62 6.66
CA ILE A 213 -5.54 -31.64 5.36
C ILE A 213 -4.04 -31.84 5.50
N LEU A 214 -3.43 -31.23 6.51
CA LEU A 214 -1.97 -31.18 6.62
C LEU A 214 -1.39 -32.32 7.44
N SER A 215 -2.23 -33.23 7.91
CA SER A 215 -1.80 -34.25 8.84
C SER A 215 -2.14 -35.60 8.27
N LEU A 216 -1.11 -36.30 7.80
CA LEU A 216 -1.18 -37.57 7.09
C LEU A 216 -2.21 -38.58 7.60
N PRO A 217 -2.17 -38.94 8.90
CA PRO A 217 -3.17 -39.95 9.29
C PRO A 217 -4.65 -39.54 9.10
N SER A 218 -4.93 -38.25 8.92
CA SER A 218 -6.31 -37.75 8.78
C SER A 218 -6.72 -37.79 7.33
N ARG A 219 -5.69 -37.83 6.47
CA ARG A 219 -5.82 -37.67 5.03
C ARG A 219 -6.71 -38.68 4.32
N SER A 220 -6.55 -39.95 4.71
CA SER A 220 -7.36 -41.06 4.25
C SER A 220 -8.80 -41.08 4.76
N LEU A 221 -9.21 -40.08 5.54
CA LEU A 221 -10.51 -40.16 6.21
C LEU A 221 -11.54 -39.27 5.56
N PHE A 222 -11.13 -38.57 4.51
CA PHE A 222 -12.03 -37.65 3.80
C PHE A 222 -11.44 -37.38 2.42
N HIS A 223 -12.21 -36.76 1.54
CA HIS A 223 -11.80 -36.61 0.14
C HIS A 223 -11.82 -35.17 -0.33
N ARG A 224 -12.65 -34.36 0.33
CA ARG A 224 -12.89 -32.96 -0.07
C ARG A 224 -12.99 -32.08 1.18
N ALA A 225 -12.76 -30.79 1.05
CA ALA A 225 -12.77 -29.92 2.22
C ALA A 225 -13.36 -28.52 1.99
N VAL A 226 -14.09 -28.03 2.98
CA VAL A 226 -14.57 -26.66 2.98
C VAL A 226 -14.09 -25.90 4.24
N LEU A 227 -13.41 -24.77 4.02
CA LEU A 227 -12.95 -23.92 5.10
C LEU A 227 -13.59 -22.57 5.00
N GLN A 228 -14.51 -22.30 5.92
CA GLN A 228 -15.22 -21.02 5.98
C GLN A 228 -14.53 -20.13 7.02
N SER A 229 -13.99 -18.99 6.57
CA SER A 229 -13.41 -17.98 7.45
C SER A 229 -12.39 -18.51 8.46
N GLY A 230 -11.50 -19.38 8.01
CA GLY A 230 -10.47 -19.91 8.91
C GLY A 230 -9.46 -20.72 8.14
N THR A 231 -8.25 -20.79 8.69
CA THR A 231 -7.13 -21.44 8.02
C THR A 231 -6.16 -22.05 9.05
N PRO A 232 -5.47 -23.15 8.68
CA PRO A 232 -4.52 -23.67 9.67
C PRO A 232 -3.27 -22.77 9.81
N ASN A 233 -2.92 -22.06 8.73
CA ASN A 233 -1.87 -21.06 8.75
C ASN A 233 -2.45 -19.76 9.29
N GLY A 234 -1.58 -18.81 9.63
CA GLY A 234 -2.05 -17.52 10.16
C GLY A 234 -1.68 -17.33 11.62
N PRO A 235 -1.96 -16.13 12.17
CA PRO A 235 -1.42 -15.76 13.47
C PRO A 235 -2.02 -16.42 14.72
N TRP A 236 -3.15 -17.10 14.60
CA TRP A 236 -3.87 -17.52 15.83
C TRP A 236 -4.14 -19.01 15.93
N ALA A 237 -4.10 -19.72 14.79
CA ALA A 237 -4.53 -21.12 14.77
C ALA A 237 -3.58 -22.12 15.39
N THR A 238 -2.31 -21.75 15.62
CA THR A 238 -1.33 -22.67 16.21
C THR A 238 -0.42 -21.88 17.10
N VAL A 239 0.23 -22.54 18.05
CA VAL A 239 1.33 -21.96 18.82
C VAL A 239 2.52 -22.90 18.70
N SER A 240 3.72 -22.38 18.89
CA SER A 240 4.92 -23.22 18.92
C SER A 240 4.93 -24.10 20.17
N ALA A 241 5.79 -25.11 20.15
CA ALA A 241 5.95 -26.00 21.29
C ALA A 241 6.34 -25.18 22.55
N GLY A 242 7.32 -24.29 22.41
CA GLY A 242 7.77 -23.42 23.52
C GLY A 242 6.67 -22.58 24.15
N GLU A 243 5.90 -21.93 23.29
CA GLU A 243 4.86 -21.04 23.73
C GLU A 243 3.76 -21.85 24.42
N ALA A 244 3.44 -23.03 23.85
CA ALA A 244 2.42 -23.90 24.48
C ALA A 244 2.89 -24.37 25.84
N ARG A 245 4.18 -24.69 25.96
CA ARG A 245 4.74 -25.09 27.23
C ARG A 245 4.56 -23.94 28.22
N ARG A 246 4.88 -22.73 27.76
CA ARG A 246 4.86 -21.56 28.59
C ARG A 246 3.45 -21.27 29.15
N ARG A 247 2.44 -21.26 28.28
CA ARG A 247 1.07 -20.99 28.72
C ARG A 247 0.55 -22.07 29.65
N ALA A 248 0.97 -23.32 29.39
CA ALA A 248 0.53 -24.47 30.19
C ALA A 248 1.09 -24.41 31.60
N THR A 249 2.39 -24.14 31.70
CA THR A 249 2.99 -24.04 33.02
C THR A 249 2.52 -22.81 33.81
N LEU A 250 2.30 -21.68 33.15
CA LEU A 250 1.66 -20.52 33.77
C LEU A 250 0.24 -20.83 34.29
N LEU A 251 -0.58 -21.44 33.45
CA LEU A 251 -1.90 -21.81 33.91
C LEU A 251 -1.82 -22.67 35.17
N ALA A 252 -0.97 -23.69 35.13
CA ALA A 252 -0.63 -24.53 36.31
C ALA A 252 -0.28 -23.69 37.53
N ARG A 253 0.68 -22.77 37.39
CA ARG A 253 0.96 -21.86 38.50
C ARG A 253 -0.34 -21.21 39.01
N LEU A 254 -1.09 -20.55 38.11
CA LEU A 254 -2.29 -19.80 38.50
C LEU A 254 -3.33 -20.62 39.26
N VAL A 255 -3.22 -21.95 39.26
CA VAL A 255 -4.21 -22.81 39.95
C VAL A 255 -3.65 -23.68 41.09
N GLY A 256 -2.35 -23.57 41.37
CA GLY A 256 -1.74 -24.38 42.44
C GLY A 256 -0.62 -25.29 41.97
N CYS A 257 -0.64 -25.66 40.69
CA CYS A 257 0.24 -26.70 40.18
C CYS A 257 1.45 -26.10 39.54
N ASN A 265 9.70 -31.52 36.27
CA ASN A 265 9.02 -32.78 35.98
C ASN A 265 7.56 -32.60 35.52
N ASP A 266 7.26 -33.00 34.28
CA ASP A 266 5.93 -32.81 33.68
C ASP A 266 4.84 -33.67 34.32
N THR A 267 5.18 -34.89 34.69
CA THR A 267 4.23 -35.80 35.35
C THR A 267 3.58 -35.20 36.60
N GLU A 268 4.39 -34.65 37.51
CA GLU A 268 3.86 -34.05 38.76
C GLU A 268 2.87 -32.91 38.48
N LEU A 269 3.22 -32.07 37.51
CA LEU A 269 2.43 -30.92 37.12
C LEU A 269 1.06 -31.32 36.54
N ILE A 270 1.07 -32.22 35.56
CA ILE A 270 -0.16 -32.67 34.92
C ILE A 270 -1.04 -33.38 35.93
N ALA A 271 -0.43 -34.24 36.74
CA ALA A 271 -1.18 -34.99 37.72
C ALA A 271 -1.92 -34.05 38.64
N CYS A 272 -1.27 -32.94 38.98
CA CYS A 272 -1.86 -31.92 39.82
C CYS A 272 -3.00 -31.16 39.11
N LEU A 273 -2.76 -30.75 37.86
CA LEU A 273 -3.82 -30.22 36.98
C LEU A 273 -5.05 -31.14 36.91
N ARG A 274 -4.82 -32.46 36.87
CA ARG A 274 -5.93 -33.41 36.81
C ARG A 274 -6.82 -33.43 38.05
N THR A 275 -6.28 -33.02 39.19
CA THR A 275 -7.06 -32.96 40.44
C THR A 275 -7.85 -31.65 40.52
N ARG A 276 -7.58 -30.71 39.60
CA ARG A 276 -8.27 -29.42 39.65
C ARG A 276 -9.65 -29.54 39.05
N PRO A 277 -10.64 -28.91 39.69
CA PRO A 277 -12.00 -28.92 39.12
C PRO A 277 -12.02 -28.20 37.75
N ALA A 278 -12.89 -28.65 36.85
CA ALA A 278 -12.95 -28.10 35.48
C ALA A 278 -13.12 -26.56 35.45
N GLN A 279 -13.98 -26.05 36.34
CA GLN A 279 -14.26 -24.62 36.40
C GLN A 279 -13.06 -23.75 36.76
N ASP A 280 -12.14 -24.29 37.57
CA ASP A 280 -10.88 -23.62 37.87
C ASP A 280 -10.05 -23.36 36.63
N LEU A 281 -9.91 -24.37 35.78
CA LEU A 281 -9.14 -24.16 34.54
C LEU A 281 -9.85 -23.12 33.66
N VAL A 282 -11.17 -23.19 33.54
CA VAL A 282 -11.88 -22.20 32.76
C VAL A 282 -11.69 -20.78 33.34
N ASP A 283 -11.71 -20.64 34.67
CA ASP A 283 -11.52 -19.33 35.31
C ASP A 283 -10.16 -18.70 35.06
N HIS A 284 -9.13 -19.50 34.73
CA HIS A 284 -7.82 -18.90 34.51
C HIS A 284 -7.36 -18.95 33.08
N GLU A 285 -8.11 -19.68 32.28
CA GLU A 285 -7.85 -19.86 30.86
C GLU A 285 -7.38 -18.58 30.15
N TRP A 286 -8.03 -17.46 30.43
CA TRP A 286 -7.72 -16.18 29.77
C TRP A 286 -6.54 -15.37 30.32
N HIS A 287 -5.89 -15.83 31.39
CA HIS A 287 -4.83 -15.06 31.98
C HIS A 287 -3.44 -15.43 31.50
N VAL A 288 -3.31 -16.20 30.41
CA VAL A 288 -2.00 -16.71 30.02
C VAL A 288 -1.44 -16.17 28.69
N LEU A 289 -2.14 -15.24 28.04
CA LEU A 289 -1.69 -14.69 26.76
C LEU A 289 -0.60 -13.68 26.97
N PRO A 290 0.44 -13.69 26.12
CA PRO A 290 1.61 -12.81 26.33
C PRO A 290 1.34 -11.32 26.28
N GLN A 291 0.31 -10.91 25.54
CA GLN A 291 -0.10 -9.50 25.44
C GLN A 291 -1.61 -9.39 25.45
N GLU A 292 -2.08 -8.20 25.82
CA GLU A 292 -3.45 -7.81 25.60
C GLU A 292 -3.73 -7.94 24.10
N SER A 293 -4.77 -8.71 23.75
CA SER A 293 -5.09 -8.94 22.34
C SER A 293 -6.57 -9.20 22.05
N ILE A 294 -6.90 -9.30 20.76
CA ILE A 294 -8.17 -9.87 20.29
C ILE A 294 -7.79 -10.86 19.19
N PHE A 295 -8.66 -11.83 18.92
CA PHE A 295 -8.34 -12.88 17.94
C PHE A 295 -7.06 -13.66 18.33
N ARG A 296 -6.89 -13.86 19.65
CA ARG A 296 -5.82 -14.72 20.21
C ARG A 296 -6.41 -15.56 21.31
N PHE A 297 -6.06 -16.84 21.30
CA PHE A 297 -6.68 -17.78 22.20
C PHE A 297 -5.60 -18.59 22.90
N SER A 298 -5.82 -18.92 24.16
CA SER A 298 -4.76 -19.44 25.01
C SER A 298 -4.30 -20.85 24.64
N PHE A 299 -5.26 -21.75 24.45
CA PHE A 299 -4.95 -23.14 24.12
C PHE A 299 -5.49 -23.52 22.76
N VAL A 300 -4.58 -23.59 21.80
CA VAL A 300 -4.89 -23.88 20.41
C VAL A 300 -4.00 -25.04 19.91
N PRO A 301 -4.27 -25.59 18.70
CA PRO A 301 -3.33 -26.58 18.18
C PRO A 301 -1.86 -26.16 18.32
N VAL A 302 -1.05 -27.11 18.79
CA VAL A 302 0.42 -26.93 18.86
C VAL A 302 1.19 -27.62 17.70
N VAL A 303 2.28 -26.98 17.28
CA VAL A 303 3.19 -27.57 16.33
C VAL A 303 4.06 -28.51 17.15
N ASP A 304 3.64 -29.77 17.19
CA ASP A 304 4.18 -30.76 18.10
C ASP A 304 5.22 -31.64 17.39
N GLY A 305 5.31 -31.52 16.07
CA GLY A 305 6.15 -32.40 15.26
C GLY A 305 5.56 -33.81 15.20
N ASP A 306 4.28 -33.95 15.54
CA ASP A 306 3.55 -35.24 15.47
C ASP A 306 2.29 -35.09 14.60
N PHE A 307 1.20 -34.59 15.21
CA PHE A 307 0.00 -34.24 14.46
C PHE A 307 0.37 -33.26 13.35
N LEU A 308 1.08 -32.19 13.72
CA LEU A 308 1.58 -31.20 12.80
C LEU A 308 3.07 -31.41 12.72
N SER A 309 3.55 -31.90 11.57
CA SER A 309 4.95 -32.32 11.48
C SER A 309 5.87 -31.12 11.42
N ASP A 310 5.33 -30.00 10.97
CA ASP A 310 6.06 -28.72 10.93
C ASP A 310 5.01 -27.60 11.08
N THR A 311 5.37 -26.32 10.98
CA THR A 311 4.38 -25.25 11.06
C THR A 311 3.42 -25.42 9.88
N PRO A 312 2.15 -24.98 10.01
CA PRO A 312 1.30 -24.98 8.81
C PRO A 312 1.83 -24.17 7.62
N GLU A 313 2.41 -22.99 7.85
CA GLU A 313 3.09 -22.21 6.80
C GLU A 313 4.04 -23.13 5.99
N ALA A 314 4.93 -23.85 6.67
CA ALA A 314 5.87 -24.74 6.01
C ALA A 314 5.16 -25.85 5.23
N LEU A 315 4.15 -26.47 5.82
CA LEU A 315 3.45 -27.60 5.17
C LEU A 315 2.57 -27.17 4.02
N ILE A 316 2.03 -25.95 4.04
CA ILE A 316 1.29 -25.53 2.86
C ILE A 316 2.27 -25.29 1.69
N ASN A 317 3.41 -24.64 1.95
CA ASN A 317 4.41 -24.37 0.90
C ASN A 317 4.99 -25.63 0.24
N THR A 318 5.22 -26.68 1.01
CA THR A 318 6.01 -27.81 0.51
C THR A 318 5.21 -29.10 0.33
N GLY A 319 3.89 -29.02 0.45
CA GLY A 319 3.03 -30.20 0.36
C GLY A 319 2.45 -30.43 -1.03
N ASP A 320 2.08 -31.68 -1.29
CA ASP A 320 1.51 -32.10 -2.56
C ASP A 320 -0.01 -32.25 -2.41
N PHE A 321 -0.74 -31.38 -3.11
CA PHE A 321 -2.21 -31.31 -2.97
C PHE A 321 -2.91 -31.69 -4.26
N GLN A 322 -2.23 -32.56 -5.02
CA GLN A 322 -2.73 -33.32 -6.18
C GLN A 322 -4.23 -33.65 -6.07
N ASP A 323 -4.56 -34.45 -5.06
CA ASP A 323 -5.87 -35.09 -4.98
C ASP A 323 -6.99 -34.28 -4.34
N LEU A 324 -6.78 -32.98 -4.17
CA LEU A 324 -7.57 -32.19 -3.23
C LEU A 324 -8.49 -31.17 -3.87
N GLN A 325 -9.78 -31.33 -3.65
CA GLN A 325 -10.72 -30.28 -4.00
C GLN A 325 -11.16 -29.55 -2.73
N VAL A 326 -11.13 -28.22 -2.79
CA VAL A 326 -11.23 -27.39 -1.61
C VAL A 326 -12.07 -26.19 -1.93
N LEU A 327 -13.02 -25.90 -1.06
CA LEU A 327 -13.80 -24.67 -1.13
C LEU A 327 -13.36 -23.82 0.05
N VAL A 328 -13.04 -22.55 -0.20
CA VAL A 328 -12.61 -21.63 0.87
C VAL A 328 -13.27 -20.29 0.75
N GLY A 329 -13.40 -19.56 1.85
CA GLY A 329 -13.91 -18.20 1.74
C GLY A 329 -14.04 -17.41 3.02
N VAL A 330 -14.59 -16.21 2.88
CA VAL A 330 -14.64 -15.25 3.95
C VAL A 330 -15.97 -14.52 3.92
N VAL A 331 -16.32 -13.90 5.04
CA VAL A 331 -17.48 -13.01 5.07
C VAL A 331 -17.01 -11.58 4.83
N LYS A 332 -17.95 -10.70 4.49
CA LYS A 332 -17.64 -9.29 4.24
C LYS A 332 -16.85 -8.64 5.38
N ASP A 333 -17.20 -8.94 6.63
CA ASP A 333 -16.57 -8.24 7.77
C ASP A 333 -15.98 -9.19 8.82
N GLU A 334 -14.83 -9.75 8.51
CA GLU A 334 -14.22 -10.73 9.39
C GLU A 334 -13.77 -10.12 10.72
N GLY A 335 -13.49 -8.82 10.74
CA GLY A 335 -12.88 -8.21 11.90
C GLY A 335 -13.83 -7.52 12.86
N SER A 336 -15.09 -7.33 12.50
CA SER A 336 -15.94 -6.47 13.31
C SER A 336 -16.30 -7.10 14.67
N TYR A 337 -16.58 -8.40 14.68
CA TYR A 337 -17.05 -9.12 15.88
C TYR A 337 -16.21 -8.87 17.11
N PHE A 338 -14.90 -8.98 17.01
CA PHE A 338 -14.09 -8.97 18.22
C PHE A 338 -13.70 -7.59 18.71
N LEU A 339 -13.98 -6.59 17.88
CA LEU A 339 -13.69 -5.23 18.23
C LEU A 339 -14.40 -4.84 19.51
N VAL A 340 -15.62 -5.36 19.72
CA VAL A 340 -16.40 -5.02 20.91
C VAL A 340 -15.94 -5.78 22.16
N TYR A 341 -15.09 -6.78 21.96
CA TYR A 341 -14.61 -7.54 23.09
C TYR A 341 -13.39 -6.92 23.73
N GLY A 342 -12.69 -6.02 23.04
CA GLY A 342 -11.51 -5.44 23.66
C GLY A 342 -10.74 -4.36 22.95
N VAL A 343 -11.33 -3.73 21.95
CA VAL A 343 -10.75 -2.49 21.50
C VAL A 343 -11.54 -1.33 22.13
N PRO A 344 -10.85 -0.51 22.93
CA PRO A 344 -11.60 0.58 23.57
C PRO A 344 -12.10 1.51 22.48
N GLY A 345 -13.32 2.01 22.64
CA GLY A 345 -13.97 2.80 21.62
C GLY A 345 -15.13 2.07 21.01
N PHE A 346 -15.05 0.74 20.94
CA PHE A 346 -16.02 -0.06 20.19
C PHE A 346 -17.12 -0.65 21.03
N SER A 347 -18.34 -0.67 20.47
CA SER A 347 -19.53 -1.16 21.17
C SER A 347 -20.67 -1.57 20.25
N LYS A 348 -21.47 -2.53 20.70
CA LYS A 348 -22.62 -2.96 19.91
C LYS A 348 -23.71 -1.92 19.98
N ASP A 349 -23.68 -1.09 21.04
CA ASP A 349 -24.78 -0.16 21.34
C ASP A 349 -24.68 1.26 20.74
N ASN A 350 -23.62 1.53 19.99
CA ASN A 350 -23.53 2.75 19.19
C ASN A 350 -22.72 2.54 17.91
N GLU A 351 -22.42 3.63 17.22
CA GLU A 351 -21.79 3.58 15.90
C GLU A 351 -20.29 3.32 15.97
N SER A 352 -19.74 3.40 17.18
CA SER A 352 -18.33 3.22 17.43
C SER A 352 -17.45 4.05 16.48
N LEU A 353 -17.66 5.34 16.46
CA LEU A 353 -16.78 6.19 15.71
C LEU A 353 -15.58 6.45 16.60
N ILE A 354 -14.38 6.21 16.09
CA ILE A 354 -13.21 6.24 16.98
C ILE A 354 -12.24 7.32 16.53
N SER A 355 -11.26 7.59 17.35
CA SER A 355 -10.34 8.63 17.06
C SER A 355 -9.10 7.98 16.49
N ARG A 356 -8.22 8.81 15.98
CA ARG A 356 -6.94 8.36 15.56
C ARG A 356 -6.23 7.66 16.73
N ALA A 357 -6.35 8.23 17.93
CA ALA A 357 -5.68 7.68 19.11
C ALA A 357 -6.20 6.29 19.38
N GLN A 358 -7.52 6.12 19.38
CA GLN A 358 -8.14 4.84 19.61
C GLN A 358 -7.77 3.84 18.53
N PHE A 359 -7.50 4.31 17.32
CA PHE A 359 -7.14 3.45 16.22
C PHE A 359 -5.70 2.95 16.38
N LEU A 360 -4.76 3.84 16.72
CA LEU A 360 -3.38 3.42 16.92
C LEU A 360 -3.29 2.38 18.05
N ALA A 361 -4.10 2.57 19.10
CA ALA A 361 -4.13 1.65 20.23
C ALA A 361 -4.76 0.35 19.81
N GLY A 362 -5.80 0.46 18.97
CA GLY A 362 -6.52 -0.70 18.48
C GLY A 362 -5.59 -1.58 17.66
N VAL A 363 -4.67 -0.94 16.95
CA VAL A 363 -3.75 -1.68 16.10
C VAL A 363 -2.75 -2.49 16.93
N ARG A 364 -2.26 -1.95 18.04
CA ARG A 364 -1.42 -2.72 18.97
C ARG A 364 -2.16 -3.93 19.53
N ILE A 365 -3.49 -3.83 19.69
CA ILE A 365 -4.28 -4.92 20.25
C ILE A 365 -4.65 -5.98 19.21
N GLY A 366 -4.97 -5.53 18.00
CA GLY A 366 -5.34 -6.42 16.90
C GLY A 366 -4.13 -7.06 16.24
N VAL A 367 -2.95 -6.49 16.48
CA VAL A 367 -1.76 -7.08 15.90
C VAL A 367 -0.76 -7.16 17.02
N PRO A 368 -1.06 -8.00 18.03
CA PRO A 368 -0.36 -7.97 19.32
C PRO A 368 1.11 -8.37 19.19
N GLN A 369 1.44 -9.19 18.21
CA GLN A 369 2.84 -9.58 17.96
C GLN A 369 3.69 -8.54 17.22
N ALA A 370 3.15 -7.35 16.91
CA ALA A 370 3.90 -6.35 16.14
C ALA A 370 4.79 -5.44 16.98
N SER A 371 6.01 -5.24 16.50
CA SER A 371 6.91 -4.23 17.02
C SER A 371 6.35 -2.84 16.70
N ASP A 372 6.98 -1.82 17.24
CA ASP A 372 6.58 -0.45 16.98
C ASP A 372 6.60 -0.09 15.49
N LEU A 373 7.59 -0.63 14.78
CA LEU A 373 7.76 -0.37 13.37
C LEU A 373 6.71 -1.10 12.53
N ALA A 374 6.52 -2.39 12.80
CA ALA A 374 5.52 -3.17 12.11
C ALA A 374 4.15 -2.50 12.26
N ALA A 375 3.83 -2.02 13.46
CA ALA A 375 2.55 -1.38 13.74
C ALA A 375 2.44 -0.10 12.95
N GLU A 376 3.53 0.67 12.93
CA GLU A 376 3.60 1.88 12.13
C GLU A 376 3.23 1.54 10.71
N ALA A 377 3.77 0.44 10.20
CA ALA A 377 3.44 0.01 8.84
C ALA A 377 1.94 -0.30 8.65
N VAL A 378 1.33 -1.01 9.59
CA VAL A 378 -0.10 -1.32 9.50
C VAL A 378 -0.88 0.01 9.46
N VAL A 379 -0.54 0.90 10.38
CA VAL A 379 -1.25 2.16 10.53
C VAL A 379 -1.07 3.06 9.32
N LEU A 380 0.12 3.00 8.73
CA LEU A 380 0.41 3.76 7.54
C LEU A 380 -0.41 3.20 6.37
N HIS A 381 -0.40 1.88 6.21
CA HIS A 381 -1.16 1.24 5.17
C HIS A 381 -2.68 1.48 5.17
N TYR A 382 -3.31 1.40 6.34
CA TYR A 382 -4.76 1.44 6.48
C TYR A 382 -5.30 2.84 6.76
N THR A 383 -4.43 3.81 7.00
CA THR A 383 -4.89 5.19 7.11
C THR A 383 -5.30 5.66 5.73
N ASP A 384 -6.41 6.38 5.67
CA ASP A 384 -6.79 7.10 4.47
C ASP A 384 -6.20 8.50 4.53
N TRP A 385 -5.09 8.74 3.82
CA TRP A 385 -4.41 10.03 3.95
C TRP A 385 -5.14 11.30 3.45
N LEU A 386 -6.24 11.15 2.73
CA LEU A 386 -7.14 12.30 2.51
C LEU A 386 -7.94 12.67 3.78
N HIS A 387 -8.34 11.66 4.54
CA HIS A 387 -9.21 11.89 5.67
C HIS A 387 -8.67 11.17 6.91
N PRO A 388 -7.43 11.49 7.34
CA PRO A 388 -6.75 10.60 8.29
C PRO A 388 -7.32 10.60 9.69
N GLU A 389 -8.20 11.55 9.98
CA GLU A 389 -8.75 11.74 11.32
C GLU A 389 -10.22 11.36 11.33
N ASP A 390 -10.71 10.94 10.16
CA ASP A 390 -12.14 10.65 9.96
C ASP A 390 -12.59 9.38 10.72
N PRO A 391 -13.48 9.56 11.69
CA PRO A 391 -13.86 8.48 12.61
C PRO A 391 -14.60 7.31 12.00
N THR A 392 -15.41 7.54 10.97
CA THR A 392 -16.05 6.43 10.29
C THR A 392 -14.99 5.59 9.56
N HIS A 393 -14.02 6.21 8.90
CA HIS A 393 -13.02 5.45 8.18
C HIS A 393 -12.18 4.64 9.16
N LEU A 394 -11.73 5.30 10.23
CA LEU A 394 -10.94 4.69 11.28
C LEU A 394 -11.64 3.48 11.85
N ARG A 395 -12.90 3.65 12.20
CA ARG A 395 -13.68 2.54 12.70
C ARG A 395 -13.65 1.35 11.73
N ASP A 396 -13.86 1.61 10.44
CA ASP A 396 -13.81 0.56 9.41
C ASP A 396 -12.41 0.04 9.15
N ALA A 397 -11.41 0.89 9.28
CA ALA A 397 -10.05 0.45 9.05
C ALA A 397 -9.63 -0.49 10.18
N MET A 398 -10.10 -0.23 11.39
CA MET A 398 -9.80 -1.09 12.52
C MET A 398 -10.38 -2.49 12.26
N SER A 399 -11.60 -2.54 11.74
CA SER A 399 -12.23 -3.80 11.40
C SER A 399 -11.41 -4.53 10.33
N ALA A 400 -11.01 -3.79 9.29
CA ALA A 400 -10.24 -4.34 8.19
C ALA A 400 -8.90 -4.95 8.65
N VAL A 401 -8.18 -4.22 9.50
CA VAL A 401 -6.90 -4.69 10.06
C VAL A 401 -7.06 -6.06 10.72
N VAL A 402 -8.06 -6.18 11.58
CA VAL A 402 -8.26 -7.40 12.33
C VAL A 402 -8.72 -8.54 11.41
N GLY A 403 -9.70 -8.23 10.56
CA GLY A 403 -10.21 -9.16 9.57
C GLY A 403 -9.16 -9.63 8.60
N ASP A 404 -8.36 -8.69 8.06
CA ASP A 404 -7.35 -9.04 7.05
C ASP A 404 -6.23 -9.87 7.63
N HIS A 405 -5.67 -9.41 8.74
CA HIS A 405 -4.57 -10.08 9.39
C HIS A 405 -4.89 -11.50 9.80
N ASN A 406 -6.10 -11.73 10.31
CA ASN A 406 -6.44 -13.03 10.94
C ASN A 406 -7.14 -13.99 10.02
N VAL A 407 -7.86 -13.46 9.04
CA VAL A 407 -8.68 -14.29 8.17
C VAL A 407 -8.46 -14.06 6.70
N VAL A 408 -8.80 -12.86 6.18
CA VAL A 408 -8.81 -12.65 4.73
C VAL A 408 -7.46 -12.95 4.09
N CYS A 409 -6.36 -12.49 4.69
CA CYS A 409 -5.05 -12.72 4.12
C CYS A 409 -4.50 -14.15 4.29
N PRO A 410 -4.61 -14.74 5.51
CA PRO A 410 -4.45 -16.19 5.65
C PRO A 410 -5.22 -17.03 4.62
N VAL A 411 -6.48 -16.69 4.37
CA VAL A 411 -7.27 -17.42 3.38
C VAL A 411 -6.63 -17.27 2.01
N ALA A 412 -6.24 -16.05 1.64
CA ALA A 412 -5.53 -15.86 0.35
C ALA A 412 -4.20 -16.64 0.30
N GLN A 413 -3.33 -16.49 1.29
CA GLN A 413 -2.11 -17.29 1.41
C GLN A 413 -2.43 -18.79 1.18
N LEU A 414 -3.41 -19.33 1.91
CA LEU A 414 -3.84 -20.73 1.72
C LEU A 414 -4.35 -21.05 0.30
N ALA A 415 -5.32 -20.27 -0.21
CA ALA A 415 -5.88 -20.49 -1.56
C ALA A 415 -4.78 -20.50 -2.63
N GLY A 416 -3.87 -19.53 -2.53
CA GLY A 416 -2.70 -19.44 -3.40
C GLY A 416 -1.83 -20.70 -3.36
N ARG A 417 -1.33 -21.05 -2.17
CA ARG A 417 -0.39 -22.14 -2.06
C ARG A 417 -1.01 -23.45 -2.54
N LEU A 418 -2.24 -23.72 -2.09
CA LEU A 418 -3.01 -24.88 -2.55
C LEU A 418 -3.19 -24.95 -4.08
N ALA A 419 -3.71 -23.90 -4.71
CA ALA A 419 -3.83 -23.90 -6.17
C ALA A 419 -2.48 -24.21 -6.89
N ALA A 420 -1.38 -23.60 -6.43
CA ALA A 420 -0.07 -23.82 -7.03
C ALA A 420 0.45 -25.23 -6.80
N GLN A 421 0.01 -25.90 -5.73
CA GLN A 421 0.44 -27.28 -5.44
C GLN A 421 -0.52 -28.33 -6.01
N GLY A 422 -1.36 -27.92 -6.96
CA GLY A 422 -2.19 -28.84 -7.75
C GLY A 422 -3.54 -29.23 -7.18
N ALA A 423 -4.19 -28.32 -6.48
CA ALA A 423 -5.46 -28.63 -5.87
C ALA A 423 -6.47 -27.86 -6.64
N ARG A 424 -7.71 -28.29 -6.56
CA ARG A 424 -8.78 -27.54 -7.16
C ARG A 424 -9.38 -26.72 -6.05
N VAL A 425 -9.37 -25.39 -6.22
CA VAL A 425 -9.79 -24.48 -5.17
C VAL A 425 -10.92 -23.65 -5.71
N TYR A 426 -12.02 -23.59 -4.97
CA TYR A 426 -13.08 -22.61 -5.25
C TYR A 426 -13.13 -21.59 -4.10
N ALA A 427 -13.30 -20.31 -4.41
CA ALA A 427 -13.21 -19.25 -3.41
C ALA A 427 -14.44 -18.38 -3.40
N TYR A 428 -14.85 -17.92 -2.23
CA TYR A 428 -16.00 -17.02 -2.17
C TYR A 428 -15.77 -15.91 -1.14
N ILE A 429 -16.54 -14.84 -1.29
CA ILE A 429 -16.74 -13.88 -0.23
C ILE A 429 -18.24 -13.82 -0.05
N PHE A 430 -18.70 -14.04 1.18
CA PHE A 430 -20.11 -14.01 1.53
C PHE A 430 -20.51 -12.60 1.92
N GLU A 431 -21.51 -12.01 1.27
CA GLU A 431 -21.77 -10.58 1.52
C GLU A 431 -23.15 -10.25 2.01
N HIS A 432 -23.97 -11.26 2.26
CA HIS A 432 -25.33 -10.95 2.67
C HIS A 432 -25.50 -10.93 4.19
N ARG A 433 -26.01 -9.82 4.69
CA ARG A 433 -26.34 -9.63 6.07
C ARG A 433 -27.77 -10.13 6.31
N ALA A 434 -27.93 -11.04 7.26
CA ALA A 434 -29.21 -11.60 7.62
C ALA A 434 -30.19 -10.48 7.97
N SER A 435 -31.42 -10.60 7.50
CA SER A 435 -32.47 -9.63 7.80
C SER A 435 -32.76 -9.64 9.30
N THR A 436 -32.50 -10.78 9.93
CA THR A 436 -32.72 -10.95 11.36
C THR A 436 -31.58 -10.44 12.24
N LEU A 437 -30.36 -10.40 11.69
CA LEU A 437 -29.15 -10.08 12.46
C LEU A 437 -29.37 -9.04 13.56
N THR A 438 -28.81 -9.29 14.73
CA THR A 438 -29.04 -8.37 15.85
C THR A 438 -27.85 -7.50 16.19
N TRP A 439 -26.70 -7.73 15.55
CA TRP A 439 -25.55 -6.84 15.74
C TRP A 439 -25.85 -5.53 15.02
N PRO A 440 -25.25 -4.42 15.45
CA PRO A 440 -25.58 -3.18 14.75
C PRO A 440 -25.10 -3.24 13.31
N LEU A 441 -25.68 -2.36 12.48
CA LEU A 441 -25.32 -2.22 11.07
C LEU A 441 -23.84 -2.09 10.80
N TRP A 442 -23.09 -1.43 11.69
CA TRP A 442 -21.71 -1.06 11.37
C TRP A 442 -20.82 -2.30 11.25
N MET A 443 -21.27 -3.37 11.88
CA MET A 443 -20.51 -4.61 11.93
C MET A 443 -20.63 -5.42 10.68
N GLY A 444 -21.51 -4.97 9.77
CA GLY A 444 -21.74 -5.63 8.47
C GLY A 444 -22.10 -7.10 8.59
N VAL A 445 -21.31 -7.96 7.96
CA VAL A 445 -21.53 -9.41 8.03
C VAL A 445 -20.37 -9.96 8.84
N PRO A 446 -20.56 -10.14 10.16
CA PRO A 446 -19.50 -10.67 11.02
C PRO A 446 -19.24 -12.16 10.75
N HIS A 447 -18.13 -12.72 11.23
CA HIS A 447 -17.89 -14.14 10.93
C HIS A 447 -18.93 -14.99 11.63
N GLY A 448 -19.31 -16.09 11.00
CA GLY A 448 -20.31 -16.97 11.58
C GLY A 448 -21.71 -16.81 11.05
N TYR A 449 -21.97 -15.67 10.41
CA TYR A 449 -23.34 -15.35 9.99
C TYR A 449 -23.71 -15.82 8.55
N GLU A 450 -22.79 -16.54 7.89
CA GLU A 450 -23.12 -17.29 6.69
C GLU A 450 -23.66 -18.66 7.10
N ILE A 451 -23.24 -19.15 8.27
CA ILE A 451 -23.49 -20.54 8.67
C ILE A 451 -24.95 -20.93 8.57
N GLU A 452 -25.84 -20.17 9.20
CA GLU A 452 -27.28 -20.46 9.16
C GLU A 452 -27.86 -20.53 7.72
N PHE A 453 -27.24 -19.84 6.77
CA PHE A 453 -27.65 -19.98 5.37
C PHE A 453 -27.22 -21.28 4.74
N ILE A 454 -25.93 -21.61 4.85
CA ILE A 454 -25.38 -22.87 4.37
C ILE A 454 -26.21 -24.07 4.88
N PHE A 455 -26.59 -24.03 6.16
CA PHE A 455 -27.33 -25.12 6.78
C PHE A 455 -28.81 -25.04 6.44
N GLY A 456 -29.18 -23.95 5.79
CA GLY A 456 -30.53 -23.78 5.27
C GLY A 456 -31.61 -23.49 6.28
N LEU A 457 -31.27 -22.80 7.37
CA LEU A 457 -32.28 -22.43 8.38
C LEU A 457 -33.42 -21.56 7.86
N PRO A 458 -33.16 -20.66 6.89
CA PRO A 458 -34.26 -19.90 6.35
C PRO A 458 -35.39 -20.73 5.74
N LEU A 459 -35.20 -22.04 5.57
CA LEU A 459 -36.27 -22.86 4.99
C LEU A 459 -37.38 -23.12 6.00
N ASP A 460 -37.14 -22.80 7.26
CA ASP A 460 -38.12 -23.04 8.29
C ASP A 460 -39.02 -21.81 8.31
N PRO A 461 -40.30 -21.96 7.89
CA PRO A 461 -41.14 -20.77 7.68
C PRO A 461 -41.47 -20.07 9.01
N SER A 462 -41.28 -20.76 10.12
CA SER A 462 -41.39 -20.14 11.44
C SER A 462 -40.19 -19.26 11.87
N LEU A 463 -39.23 -18.99 10.98
CA LEU A 463 -38.01 -18.26 11.40
C LEU A 463 -37.81 -16.78 10.96
N ASN A 464 -38.76 -16.21 10.23
CA ASN A 464 -38.76 -14.74 9.95
C ASN A 464 -37.82 -14.26 8.84
N TYR A 465 -37.09 -15.16 8.18
CA TYR A 465 -36.28 -14.75 7.04
C TYR A 465 -37.16 -14.28 5.89
N THR A 466 -36.65 -13.39 5.05
CA THR A 466 -37.36 -12.97 3.83
C THR A 466 -37.36 -14.07 2.76
N THR A 467 -38.29 -13.95 1.82
CA THR A 467 -38.43 -14.89 0.73
C THR A 467 -37.16 -15.01 -0.12
N GLU A 468 -36.46 -13.90 -0.39
CA GLU A 468 -35.21 -14.01 -1.13
C GLU A 468 -34.11 -14.73 -0.32
N GLU A 469 -34.16 -14.58 1.00
CA GLU A 469 -33.29 -15.34 1.91
C GLU A 469 -33.58 -16.85 1.90
N ARG A 470 -34.85 -17.22 1.77
CA ARG A 470 -35.19 -18.63 1.61
C ARG A 470 -34.61 -19.19 0.30
N ILE A 471 -34.69 -18.43 -0.79
CA ILE A 471 -34.15 -18.86 -2.08
C ILE A 471 -32.64 -18.90 -2.08
N PHE A 472 -32.06 -17.91 -1.43
CA PHE A 472 -30.61 -17.76 -1.30
C PHE A 472 -30.00 -18.95 -0.55
N ALA A 473 -30.68 -19.37 0.54
CA ALA A 473 -30.23 -20.50 1.35
C ALA A 473 -30.17 -21.77 0.51
N GLN A 474 -31.22 -22.00 -0.29
CA GLN A 474 -31.28 -23.12 -1.25
C GLN A 474 -30.14 -23.06 -2.24
N ARG A 475 -29.81 -21.88 -2.74
CA ARG A 475 -28.67 -21.76 -3.63
C ARG A 475 -27.39 -22.26 -2.95
N LEU A 476 -27.15 -21.80 -1.72
CA LEU A 476 -25.93 -22.13 -0.98
C LEU A 476 -25.86 -23.59 -0.61
N MET A 477 -27.01 -24.18 -0.23
CA MET A 477 -27.06 -25.60 0.10
C MET A 477 -26.71 -26.41 -1.16
N LYS A 478 -27.11 -25.87 -2.32
CA LYS A 478 -26.81 -26.52 -3.58
C LYS A 478 -25.32 -26.44 -3.92
N TYR A 479 -24.71 -25.28 -3.71
CA TYR A 479 -23.28 -25.16 -3.93
C TYR A 479 -22.50 -26.15 -3.06
N TRP A 480 -22.80 -26.14 -1.77
CA TRP A 480 -22.11 -26.98 -0.79
C TRP A 480 -22.23 -28.47 -1.09
N THR A 481 -23.47 -28.95 -1.25
CA THR A 481 -23.70 -30.38 -1.53
C THR A 481 -23.27 -30.78 -2.94
N ASN A 482 -23.33 -29.85 -3.89
CA ASN A 482 -22.73 -30.15 -5.19
C ASN A 482 -21.24 -30.33 -5.02
N PHE A 483 -20.61 -29.42 -4.27
CA PHE A 483 -19.18 -29.56 -4.01
C PHE A 483 -18.84 -30.88 -3.33
N ALA A 484 -19.59 -31.24 -2.29
CA ALA A 484 -19.38 -32.53 -1.61
C ALA A 484 -19.56 -33.70 -2.56
N ARG A 485 -20.60 -33.63 -3.42
CA ARG A 485 -20.88 -34.70 -4.38
C ARG A 485 -19.75 -34.87 -5.39
N THR A 486 -19.27 -33.77 -5.98
CA THR A 486 -18.44 -33.83 -7.19
C THR A 486 -17.06 -33.14 -7.13
N GLY A 487 -16.82 -32.32 -6.12
CA GLY A 487 -15.62 -31.48 -6.08
C GLY A 487 -15.81 -30.21 -6.88
N ASP A 488 -17.07 -29.89 -7.18
CA ASP A 488 -17.43 -28.78 -8.05
C ASP A 488 -18.77 -28.21 -7.57
N PRO A 489 -18.79 -26.92 -7.18
CA PRO A 489 -20.01 -26.35 -6.61
C PRO A 489 -21.06 -26.08 -7.68
N ASN A 490 -20.66 -26.20 -8.94
CA ASN A 490 -21.55 -25.89 -10.05
C ASN A 490 -22.57 -26.99 -10.32
N ASP A 491 -23.75 -26.57 -10.74
CA ASP A 491 -24.80 -27.49 -11.12
C ASP A 491 -24.56 -28.02 -12.54
N PRO A 492 -24.26 -29.33 -12.65
CA PRO A 492 -23.71 -29.95 -13.88
C PRO A 492 -24.56 -29.75 -15.15
N ARG A 493 -25.89 -29.75 -15.00
CA ARG A 493 -26.77 -29.42 -16.13
C ARG A 493 -26.85 -27.90 -16.27
N ASP A 494 -27.54 -27.27 -15.31
CA ASP A 494 -27.82 -25.82 -15.28
C ASP A 494 -26.69 -24.88 -15.74
N SER A 495 -26.44 -24.86 -17.04
CA SER A 495 -25.40 -24.00 -17.64
C SER A 495 -25.87 -22.56 -17.86
N LYS A 496 -27.20 -22.34 -17.68
CA LYS A 496 -27.83 -21.00 -17.64
C LYS A 496 -27.17 -20.04 -16.61
N SER A 497 -27.30 -20.40 -15.31
CA SER A 497 -26.63 -19.69 -14.20
C SER A 497 -25.13 -19.49 -14.47
N PRO A 498 -24.57 -18.35 -13.99
CA PRO A 498 -23.15 -18.06 -14.27
C PRO A 498 -22.29 -19.06 -13.50
N GLN A 499 -21.19 -19.50 -14.13
CA GLN A 499 -20.32 -20.50 -13.53
C GLN A 499 -19.35 -19.91 -12.49
N TRP A 500 -19.14 -20.65 -11.41
CA TRP A 500 -18.14 -20.35 -10.42
C TRP A 500 -16.86 -21.01 -10.94
N PRO A 501 -15.86 -20.21 -11.37
CA PRO A 501 -14.64 -20.82 -11.86
C PRO A 501 -13.71 -21.17 -10.71
N PRO A 502 -12.81 -22.14 -10.92
CA PRO A 502 -11.75 -22.34 -9.92
C PRO A 502 -10.89 -21.10 -9.62
N TYR A 503 -10.45 -20.97 -8.38
CA TYR A 503 -9.44 -20.01 -8.03
C TYR A 503 -8.09 -20.52 -8.51
N THR A 504 -7.36 -19.66 -9.22
CA THR A 504 -6.05 -19.97 -9.80
C THR A 504 -5.06 -18.86 -9.48
N THR A 505 -3.76 -19.18 -9.40
CA THR A 505 -2.76 -18.13 -9.12
C THR A 505 -2.68 -17.11 -10.23
N ALA A 506 -2.80 -17.58 -11.49
CA ALA A 506 -2.87 -16.68 -12.65
C ALA A 506 -4.05 -15.70 -12.58
N ALA A 507 -5.26 -16.18 -12.35
CA ALA A 507 -6.43 -15.28 -12.42
C ALA A 507 -7.09 -14.91 -11.08
N GLN A 508 -6.80 -15.68 -10.03
CA GLN A 508 -7.31 -15.37 -8.69
C GLN A 508 -8.80 -15.02 -8.68
N GLN A 509 -9.61 -15.87 -9.26
CA GLN A 509 -11.06 -15.63 -9.31
C GLN A 509 -11.79 -16.25 -8.13
N TYR A 510 -12.83 -15.55 -7.71
CA TYR A 510 -13.67 -15.96 -6.61
C TYR A 510 -15.05 -15.37 -6.86
N VAL A 511 -16.07 -15.87 -6.17
CA VAL A 511 -17.40 -15.31 -6.41
C VAL A 511 -17.99 -14.58 -5.21
N SER A 512 -18.93 -13.68 -5.48
CA SER A 512 -19.71 -13.03 -4.44
C SER A 512 -20.93 -13.88 -4.14
N LEU A 513 -21.17 -14.14 -2.86
CA LEU A 513 -22.38 -14.80 -2.42
C LEU A 513 -23.26 -13.75 -1.78
N ASN A 514 -24.33 -13.40 -2.48
CA ASN A 514 -25.36 -12.50 -1.97
C ASN A 514 -26.67 -12.79 -2.70
N LEU A 515 -27.64 -11.88 -2.59
CA LEU A 515 -28.98 -12.13 -3.12
C LEU A 515 -29.01 -12.02 -4.63
N LYS A 516 -28.10 -11.22 -5.19
CA LYS A 516 -27.87 -11.15 -6.62
C LYS A 516 -27.21 -12.45 -7.09
N PRO A 517 -27.39 -12.80 -8.38
CA PRO A 517 -26.72 -13.96 -8.98
C PRO A 517 -25.22 -13.86 -8.86
N LEU A 518 -24.54 -15.01 -8.91
CA LEU A 518 -23.09 -15.10 -8.82
C LEU A 518 -22.37 -14.09 -9.71
N GLU A 519 -21.54 -13.25 -9.10
CA GLU A 519 -20.67 -12.33 -9.83
C GLU A 519 -19.23 -12.74 -9.57
N VAL A 520 -18.38 -12.61 -10.60
CA VAL A 520 -16.99 -13.07 -10.54
C VAL A 520 -16.04 -11.90 -10.38
N ARG A 521 -15.18 -11.98 -9.37
CA ARG A 521 -14.21 -10.92 -9.07
C ARG A 521 -12.81 -11.49 -9.06
N ARG A 522 -11.82 -10.62 -9.16
CA ARG A 522 -10.44 -11.07 -9.25
C ARG A 522 -9.59 -10.43 -8.15
N GLY A 523 -8.67 -11.23 -7.61
CA GLY A 523 -7.79 -10.81 -6.53
C GLY A 523 -8.51 -10.66 -5.20
N LEU A 524 -8.03 -11.38 -4.20
CA LEU A 524 -8.63 -11.31 -2.88
C LEU A 524 -7.81 -10.36 -2.04
N ARG A 525 -8.28 -9.12 -1.93
CA ARG A 525 -7.49 -8.06 -1.29
C ARG A 525 -6.03 -8.24 -1.69
N ALA A 526 -5.75 -8.30 -2.98
CA ALA A 526 -4.41 -8.68 -3.45
C ALA A 526 -3.33 -7.73 -2.95
N GLN A 527 -3.55 -6.41 -3.11
CA GLN A 527 -2.53 -5.42 -2.69
C GLN A 527 -2.31 -5.53 -1.20
N THR A 528 -3.39 -5.45 -0.44
CA THR A 528 -3.32 -5.50 1.01
C THR A 528 -2.71 -6.80 1.48
N CYS A 529 -3.03 -7.92 0.84
CA CYS A 529 -2.48 -9.16 1.33
C CYS A 529 -1.00 -9.33 1.01
N ALA A 530 -0.50 -8.63 -0.01
CA ALA A 530 0.96 -8.59 -0.21
C ALA A 530 1.63 -7.98 1.02
N PHE A 531 0.98 -6.99 1.61
CA PHE A 531 1.48 -6.41 2.83
C PHE A 531 1.59 -7.46 3.95
N TRP A 532 0.47 -8.07 4.31
CA TRP A 532 0.44 -9.05 5.40
C TRP A 532 1.27 -10.29 5.14
N ASN A 533 1.20 -10.83 3.93
CA ASN A 533 1.79 -12.12 3.62
C ASN A 533 3.24 -12.10 3.16
N ARG A 534 3.65 -11.06 2.45
CA ARG A 534 5.02 -11.00 1.94
C ARG A 534 5.88 -10.02 2.70
N PHE A 535 5.40 -8.79 2.87
CA PHE A 535 6.21 -7.78 3.52
C PHE A 535 6.31 -7.93 5.03
N LEU A 536 5.18 -8.05 5.71
CA LEU A 536 5.16 -7.96 7.18
C LEU A 536 6.05 -9.00 7.90
N PRO A 537 6.11 -10.27 7.40
CA PRO A 537 7.12 -11.21 7.91
C PRO A 537 8.54 -10.64 7.92
N LYS A 538 9.01 -10.08 6.80
CA LYS A 538 10.39 -9.52 6.69
C LYS A 538 10.68 -8.41 7.69
N LEU A 539 9.71 -7.51 7.87
CA LEU A 539 9.77 -6.49 8.89
C LEU A 539 9.80 -7.07 10.31
N LEU A 540 9.61 -8.38 10.41
CA LEU A 540 9.87 -9.11 11.68
C LEU A 540 11.16 -9.96 11.58
N SER A 541 12.12 -9.48 10.79
CA SER A 541 13.54 -9.92 10.80
C SER A 541 14.39 -8.65 10.94
N ALA A 542 13.90 -7.72 11.78
CA ALA A 542 14.50 -6.41 12.05
C ALA A 542 13.76 -5.78 13.24
N GLU B 4 18.65 53.45 -35.32
CA GLU B 4 19.06 53.85 -33.94
C GLU B 4 17.85 54.06 -33.02
N ASP B 5 17.13 52.97 -32.77
CA ASP B 5 15.89 52.96 -32.01
C ASP B 5 16.13 53.24 -30.53
N PRO B 6 15.51 54.30 -29.97
CA PRO B 6 15.71 54.62 -28.53
C PRO B 6 15.00 53.66 -27.61
N GLN B 7 14.14 52.81 -28.17
CA GLN B 7 13.47 51.76 -27.38
C GLN B 7 14.44 50.67 -27.00
N LEU B 8 15.51 50.55 -27.79
CA LEU B 8 16.49 49.48 -27.63
C LEU B 8 17.75 49.98 -26.92
N LEU B 9 17.63 51.12 -26.25
CA LEU B 9 18.79 51.73 -25.66
C LEU B 9 18.45 52.01 -24.20
N VAL B 10 19.18 51.39 -23.28
CA VAL B 10 18.86 51.47 -21.85
C VAL B 10 20.11 51.74 -21.04
N ARG B 11 20.02 52.57 -20.02
CA ARG B 11 21.13 52.76 -19.10
C ARG B 11 20.83 52.02 -17.82
N VAL B 12 21.51 50.90 -17.65
CA VAL B 12 21.54 50.26 -16.35
C VAL B 12 22.70 50.85 -15.56
N ARG B 13 22.78 50.49 -14.29
CA ARG B 13 23.80 50.96 -13.36
C ARG B 13 25.27 50.84 -13.84
N GLY B 14 25.57 49.82 -14.63
CA GLY B 14 26.94 49.59 -15.11
C GLY B 14 27.26 50.33 -16.41
N GLY B 15 26.25 50.95 -17.02
CA GLY B 15 26.40 51.65 -18.29
C GLY B 15 25.25 51.39 -19.24
N GLN B 16 25.47 51.65 -20.52
CA GLN B 16 24.42 51.58 -21.53
C GLN B 16 24.42 50.27 -22.28
N LEU B 17 23.24 49.85 -22.73
CA LEU B 17 23.04 48.59 -23.45
C LEU B 17 22.25 48.86 -24.71
N ARG B 18 22.51 48.07 -25.74
CA ARG B 18 21.71 48.13 -26.95
C ARG B 18 21.05 46.79 -27.17
N GLY B 19 19.73 46.80 -27.15
CA GLY B 19 18.94 45.62 -27.38
C GLY B 19 18.68 45.46 -28.85
N ILE B 20 17.95 44.41 -29.18
CA ILE B 20 17.53 44.11 -30.52
C ILE B 20 16.01 44.05 -30.49
N ARG B 21 15.36 44.44 -31.59
CA ARG B 21 13.92 44.34 -31.72
C ARG B 21 13.65 42.98 -32.34
N LEU B 22 12.96 42.12 -31.61
CA LEU B 22 12.65 40.80 -32.12
C LEU B 22 11.17 40.75 -32.48
N LYS B 23 10.79 39.83 -33.34
CA LYS B 23 9.37 39.70 -33.64
C LYS B 23 8.70 38.47 -32.98
N ALA B 24 7.55 38.73 -32.37
CA ALA B 24 6.63 37.69 -31.92
C ALA B 24 5.43 37.69 -32.88
N PRO B 25 4.72 36.55 -33.03
CA PRO B 25 3.54 36.43 -33.91
C PRO B 25 2.59 37.64 -33.97
N GLY B 26 2.36 38.31 -32.84
CA GLY B 26 1.38 39.40 -32.78
C GLY B 26 1.97 40.79 -32.62
N GLY B 27 3.28 40.91 -32.82
CA GLY B 27 3.94 42.20 -32.74
C GLY B 27 5.39 42.09 -32.35
N PRO B 28 6.06 43.26 -32.19
CA PRO B 28 7.47 43.37 -31.82
C PRO B 28 7.72 43.23 -30.32
N VAL B 29 8.94 42.80 -29.95
CA VAL B 29 9.43 42.79 -28.56
C VAL B 29 10.87 43.34 -28.49
N SER B 30 11.17 44.06 -27.41
CA SER B 30 12.53 44.51 -27.16
C SER B 30 13.27 43.39 -26.40
N ALA B 31 14.46 43.01 -26.87
CA ALA B 31 15.24 42.00 -26.15
C ALA B 31 16.61 42.54 -25.76
N PHE B 32 17.05 42.22 -24.55
CA PHE B 32 18.38 42.61 -24.09
C PHE B 32 19.11 41.35 -23.67
N LEU B 33 19.89 40.82 -24.60
CA LEU B 33 20.49 39.50 -24.45
C LEU B 33 21.95 39.56 -24.04
N GLY B 34 22.38 38.63 -23.19
CA GLY B 34 23.77 38.54 -22.77
C GLY B 34 24.29 39.74 -22.02
N ILE B 35 23.45 40.36 -21.18
CA ILE B 35 23.92 41.43 -20.30
C ILE B 35 24.75 40.79 -19.21
N PRO B 36 25.96 41.29 -18.94
CA PRO B 36 26.73 40.64 -17.88
C PRO B 36 26.33 41.15 -16.51
N PHE B 37 26.19 40.25 -15.56
CA PHE B 37 25.88 40.65 -14.19
C PHE B 37 27.01 40.37 -13.21
N ALA B 38 28.06 39.70 -13.66
CA ALA B 38 29.21 39.43 -12.78
C ALA B 38 30.54 39.44 -13.54
N GLU B 39 31.60 39.70 -12.80
CA GLU B 39 32.96 39.44 -13.32
C GLU B 39 33.04 37.99 -13.78
N PRO B 40 33.64 37.76 -14.95
CA PRO B 40 33.78 36.34 -15.33
C PRO B 40 34.45 35.51 -14.21
N PRO B 41 33.83 34.38 -13.84
CA PRO B 41 34.35 33.58 -12.72
C PRO B 41 35.48 32.61 -13.15
N VAL B 42 36.55 33.17 -13.71
CA VAL B 42 37.61 32.40 -14.35
C VAL B 42 38.93 32.51 -13.56
N GLY B 43 39.94 31.72 -13.94
CA GLY B 43 41.23 31.75 -13.26
C GLY B 43 41.12 31.54 -11.75
N SER B 44 41.47 32.54 -10.96
CA SER B 44 41.40 32.38 -9.51
C SER B 44 39.98 32.50 -8.96
N ARG B 45 39.03 32.79 -9.85
CA ARG B 45 37.64 33.02 -9.47
C ARG B 45 36.84 31.74 -9.62
N ARG B 46 37.44 30.73 -10.24
CA ARG B 46 36.82 29.41 -10.36
C ARG B 46 36.57 28.86 -8.96
N PHE B 47 35.36 28.34 -8.74
CA PHE B 47 34.83 27.88 -7.44
C PHE B 47 34.51 29.00 -6.44
N MET B 48 34.75 30.24 -6.81
CA MET B 48 34.57 31.37 -5.90
C MET B 48 33.19 32.02 -6.08
N PRO B 49 32.64 32.63 -5.02
CA PRO B 49 31.43 33.45 -5.21
C PRO B 49 31.58 34.50 -6.31
N PRO B 50 30.45 34.85 -6.99
CA PRO B 50 30.49 35.84 -8.07
C PRO B 50 30.70 37.24 -7.51
N GLU B 51 31.46 38.06 -8.19
CA GLU B 51 31.55 39.46 -7.83
C GLU B 51 30.74 40.26 -8.86
N PRO B 52 30.17 41.40 -8.46
CA PRO B 52 29.49 42.31 -9.38
C PRO B 52 30.34 42.77 -10.59
N LYS B 53 29.76 42.67 -11.79
CA LYS B 53 30.38 43.20 -13.02
C LYS B 53 30.79 44.65 -12.86
N ARG B 54 32.01 44.97 -13.28
CA ARG B 54 32.50 46.35 -13.23
C ARG B 54 31.80 47.18 -14.32
N PRO B 55 31.63 48.49 -14.09
CA PRO B 55 31.00 49.38 -15.10
C PRO B 55 31.79 49.37 -16.39
N TRP B 56 31.11 49.57 -17.52
CA TRP B 56 31.77 49.56 -18.82
C TRP B 56 31.59 50.89 -19.52
N SER B 57 32.52 51.21 -20.42
CA SER B 57 32.46 52.43 -21.22
C SER B 57 31.52 52.21 -22.41
N GLY B 58 31.02 53.29 -23.00
CA GLY B 58 30.20 53.22 -24.21
C GLY B 58 28.91 52.41 -24.12
N VAL B 59 28.52 51.88 -25.28
CA VAL B 59 27.28 51.11 -25.47
C VAL B 59 27.61 49.64 -25.73
N LEU B 60 27.30 48.79 -24.74
CA LEU B 60 27.50 47.35 -24.80
C LEU B 60 26.44 46.74 -25.67
N ASP B 61 26.86 45.88 -26.59
CA ASP B 61 25.97 45.19 -27.48
C ASP B 61 25.24 44.00 -26.79
N ALA B 62 23.96 44.17 -26.52
CA ALA B 62 23.16 43.15 -25.85
C ALA B 62 22.08 42.60 -26.79
N THR B 63 22.51 42.03 -27.91
CA THR B 63 21.57 41.70 -28.97
C THR B 63 21.67 40.24 -29.34
N THR B 64 22.53 39.55 -28.62
CA THR B 64 22.81 38.15 -28.85
C THR B 64 23.07 37.44 -27.49
N PHE B 65 22.63 36.18 -27.40
CA PHE B 65 22.90 35.32 -26.26
C PHE B 65 24.40 35.14 -26.10
N GLN B 66 24.85 35.28 -24.85
CA GLN B 66 26.23 35.03 -24.48
C GLN B 66 26.52 33.54 -24.29
N ASN B 67 27.76 33.19 -23.92
CA ASN B 67 28.17 31.78 -23.84
C ASN B 67 27.41 31.02 -22.79
N VAL B 68 27.28 29.71 -23.01
CA VAL B 68 26.66 28.76 -22.11
C VAL B 68 27.71 28.29 -21.10
N CYS B 69 27.35 28.25 -19.82
CA CYS B 69 28.30 27.84 -18.74
C CYS B 69 28.87 26.48 -18.97
N TYR B 70 30.14 26.30 -18.61
CA TYR B 70 30.83 25.06 -18.96
C TYR B 70 30.21 23.84 -18.30
N GLN B 71 29.96 22.82 -19.10
CA GLN B 71 29.14 21.71 -18.69
C GLN B 71 29.31 20.48 -19.59
N TYR B 72 28.99 19.32 -19.00
CA TYR B 72 28.75 18.09 -19.72
C TYR B 72 27.74 18.30 -20.85
N VAL B 73 27.98 17.66 -22.00
CA VAL B 73 27.04 17.67 -23.12
C VAL B 73 26.57 16.24 -23.34
N ASP B 74 25.25 16.05 -23.41
CA ASP B 74 24.65 14.75 -23.64
C ASP B 74 24.89 14.21 -25.05
N THR B 75 25.38 12.98 -25.12
CA THR B 75 25.63 12.32 -26.41
C THR B 75 25.03 10.92 -26.43
N LEU B 76 24.02 10.68 -25.59
CA LEU B 76 23.37 9.38 -25.56
C LEU B 76 22.65 9.06 -26.90
N TYR B 77 21.88 9.99 -27.43
CA TYR B 77 21.25 9.77 -28.73
C TYR B 77 21.62 10.91 -29.66
N PRO B 78 22.82 10.84 -30.29
CA PRO B 78 23.33 11.97 -31.09
C PRO B 78 22.38 12.34 -32.22
N GLY B 79 22.04 13.63 -32.34
CA GLY B 79 21.14 14.10 -33.41
C GLY B 79 19.64 13.86 -33.24
N PHE B 80 19.25 13.28 -32.11
CA PHE B 80 17.83 13.10 -31.74
C PHE B 80 17.29 14.39 -31.10
N GLU B 81 16.22 14.95 -31.67
CA GLU B 81 15.67 16.23 -31.18
C GLU B 81 15.26 16.20 -29.69
N GLY B 82 14.78 15.04 -29.23
CA GLY B 82 14.42 14.83 -27.84
C GLY B 82 15.50 15.19 -26.83
N THR B 83 16.74 14.78 -27.10
CA THR B 83 17.90 15.10 -26.26
C THR B 83 18.57 16.41 -26.63
N GLU B 84 18.58 16.75 -27.92
CA GLU B 84 19.37 17.89 -28.41
C GLU B 84 18.78 19.20 -27.96
N MET B 85 17.48 19.23 -27.72
CA MET B 85 16.79 20.47 -27.38
C MET B 85 17.26 20.97 -26.03
N TRP B 86 17.94 20.09 -25.28
CA TRP B 86 18.49 20.48 -23.98
C TRP B 86 19.98 20.81 -24.03
N ASN B 87 20.62 20.49 -25.13
CA ASN B 87 22.07 20.70 -25.26
C ASN B 87 22.42 22.16 -25.49
N PRO B 88 23.65 22.56 -25.11
CA PRO B 88 24.04 23.96 -25.33
C PRO B 88 23.83 24.41 -26.80
N ASN B 89 23.21 25.56 -26.97
CA ASN B 89 22.99 26.12 -28.30
C ASN B 89 23.95 27.29 -28.55
N ARG B 90 24.94 27.44 -27.66
CA ARG B 90 26.02 28.41 -27.80
C ARG B 90 27.33 27.79 -27.30
N GLU B 91 28.46 28.45 -27.59
CA GLU B 91 29.79 27.95 -27.19
C GLU B 91 29.87 27.78 -25.66
N LEU B 92 30.53 26.73 -25.20
CA LEU B 92 30.80 26.57 -23.78
C LEU B 92 31.89 27.54 -23.36
N SER B 93 31.86 27.97 -22.12
CA SER B 93 32.90 28.83 -21.58
C SER B 93 32.65 29.06 -20.09
N GLU B 94 33.71 29.12 -19.30
CA GLU B 94 33.56 29.55 -17.91
C GLU B 94 33.13 31.01 -17.79
N ASP B 95 33.38 31.79 -18.85
CA ASP B 95 32.92 33.18 -18.88
C ASP B 95 31.49 33.15 -19.42
N CYS B 96 30.54 33.08 -18.48
CA CYS B 96 29.14 32.77 -18.80
C CYS B 96 28.12 33.48 -17.91
N LEU B 97 28.59 34.25 -16.93
CA LEU B 97 27.66 34.92 -16.02
C LEU B 97 26.92 36.08 -16.68
N TYR B 98 25.92 35.74 -17.48
CA TYR B 98 25.15 36.72 -18.25
C TYR B 98 23.66 36.51 -18.06
N LEU B 99 22.87 37.58 -18.22
CA LEU B 99 21.42 37.43 -18.19
C LEU B 99 20.69 38.06 -19.41
N ASN B 100 19.42 37.68 -19.57
CA ASN B 100 18.58 38.14 -20.66
C ASN B 100 17.30 38.79 -20.13
N VAL B 101 16.85 39.84 -20.82
CA VAL B 101 15.64 40.56 -20.45
C VAL B 101 14.77 40.72 -21.69
N TRP B 102 13.57 40.16 -21.68
CA TRP B 102 12.58 40.46 -22.72
C TRP B 102 11.52 41.41 -22.14
N THR B 103 11.19 42.47 -22.88
CA THR B 103 10.14 43.40 -22.46
C THR B 103 9.22 43.73 -23.63
N PRO B 104 7.99 44.21 -23.32
CA PRO B 104 7.07 44.65 -24.38
C PRO B 104 7.64 45.79 -25.24
N TYR B 105 7.28 45.80 -26.51
CA TYR B 105 7.69 46.85 -27.43
C TYR B 105 6.47 47.68 -27.86
N PRO B 106 6.38 48.94 -27.41
CA PRO B 106 7.35 49.73 -26.65
C PRO B 106 7.40 49.42 -25.15
N ARG B 107 8.52 49.77 -24.52
CA ARG B 107 8.72 49.45 -23.10
C ARG B 107 7.59 50.02 -22.24
N PRO B 108 6.97 49.16 -21.40
CA PRO B 108 5.80 49.44 -20.58
C PRO B 108 5.73 50.86 -20.04
N ALA B 109 4.52 51.42 -20.10
CA ALA B 109 4.25 52.75 -19.56
C ALA B 109 4.43 52.74 -18.02
N SER B 110 3.74 51.82 -17.35
CA SER B 110 3.84 51.69 -15.88
C SER B 110 4.69 50.46 -15.51
N PRO B 111 5.19 50.42 -14.25
CA PRO B 111 5.94 49.26 -13.73
C PRO B 111 5.21 47.92 -13.88
N THR B 112 5.83 46.96 -14.56
CA THR B 112 5.22 45.68 -14.89
C THR B 112 5.76 44.53 -14.04
N PRO B 113 4.90 43.60 -13.61
CA PRO B 113 5.40 42.48 -12.84
C PRO B 113 6.51 41.77 -13.63
N VAL B 114 7.53 41.28 -12.92
CA VAL B 114 8.66 40.59 -13.55
C VAL B 114 8.64 39.09 -13.27
N LEU B 115 8.77 38.27 -14.30
CA LEU B 115 9.10 36.86 -14.10
C LEU B 115 10.60 36.62 -14.31
N ILE B 116 11.23 35.89 -13.38
CA ILE B 116 12.62 35.47 -13.51
C ILE B 116 12.74 33.97 -13.65
N TRP B 117 13.38 33.50 -14.72
CA TRP B 117 13.40 32.08 -15.04
C TRP B 117 14.72 31.45 -14.64
N ILE B 118 14.64 30.24 -14.07
CA ILE B 118 15.83 29.52 -13.66
C ILE B 118 15.82 28.15 -14.30
N TYR B 119 16.65 27.95 -15.33
CA TYR B 119 16.69 26.65 -15.99
C TYR B 119 17.03 25.50 -15.05
N GLY B 120 16.60 24.31 -15.45
CA GLY B 120 17.05 23.08 -14.83
C GLY B 120 18.13 22.41 -15.65
N GLY B 121 18.40 21.14 -15.36
CA GLY B 121 19.57 20.47 -15.89
C GLY B 121 20.34 19.71 -14.83
N GLY B 122 19.69 19.39 -13.71
CA GLY B 122 20.29 18.58 -12.68
C GLY B 122 21.45 19.22 -11.97
N PHE B 123 21.54 20.55 -12.02
CA PHE B 123 22.72 21.30 -11.56
C PHE B 123 24.00 20.92 -12.28
N TYR B 124 23.92 20.18 -13.38
CA TYR B 124 25.11 19.87 -14.18
C TYR B 124 25.03 20.38 -15.63
N SER B 125 23.89 20.93 -16.03
CA SER B 125 23.71 21.41 -17.39
C SER B 125 22.64 22.51 -17.45
N GLY B 126 22.33 22.96 -18.66
CA GLY B 126 21.30 23.94 -18.89
C GLY B 126 21.89 25.24 -19.37
N ALA B 127 21.00 26.14 -19.80
CA ALA B 127 21.42 27.43 -20.36
C ALA B 127 20.16 28.26 -20.51
N ALA B 128 20.30 29.58 -20.33
CA ALA B 128 19.15 30.45 -20.42
C ALA B 128 18.74 30.73 -21.88
N SER B 129 19.47 30.16 -22.83
CA SER B 129 19.37 30.53 -24.24
C SER B 129 18.67 29.47 -25.07
N LEU B 130 18.19 28.39 -24.45
CA LEU B 130 17.51 27.34 -25.17
C LEU B 130 16.22 27.91 -25.79
N ASP B 131 15.78 27.31 -26.89
CA ASP B 131 14.56 27.80 -27.57
C ASP B 131 13.34 27.77 -26.65
N VAL B 132 13.24 26.70 -25.84
CA VAL B 132 12.08 26.53 -24.96
C VAL B 132 11.98 27.57 -23.83
N TYR B 133 13.02 28.37 -23.61
CA TYR B 133 12.97 29.40 -22.58
C TYR B 133 12.85 30.77 -23.16
N ASP B 134 12.44 30.83 -24.43
CA ASP B 134 12.36 32.08 -25.17
C ASP B 134 11.25 32.93 -24.61
N GLY B 135 11.57 34.12 -24.14
CA GLY B 135 10.60 34.96 -23.46
C GLY B 135 9.82 35.94 -24.31
N ARG B 136 9.94 35.84 -25.63
CA ARG B 136 9.31 36.83 -26.50
C ARG B 136 7.78 36.72 -26.38
N PHE B 137 7.27 35.49 -26.35
CA PHE B 137 5.83 35.26 -26.25
C PHE B 137 5.19 35.80 -24.98
N LEU B 138 5.75 35.49 -23.81
CA LEU B 138 5.21 36.01 -22.56
C LEU B 138 5.28 37.53 -22.58
N ALA B 139 6.38 38.09 -23.05
CA ALA B 139 6.55 39.55 -23.06
C ALA B 139 5.48 40.22 -23.93
N GLN B 140 5.20 39.62 -25.08
CA GLN B 140 4.32 40.23 -26.08
C GLN B 140 2.86 40.00 -25.71
N VAL B 141 2.47 38.74 -25.62
CA VAL B 141 1.08 38.40 -25.41
C VAL B 141 0.56 38.90 -24.07
N GLU B 142 1.39 38.81 -23.02
CA GLU B 142 0.97 39.09 -21.65
C GLU B 142 1.53 40.35 -21.05
N GLY B 143 2.45 40.99 -21.76
CA GLY B 143 3.06 42.23 -21.31
C GLY B 143 4.07 42.03 -20.20
N ALA B 144 4.51 40.79 -19.97
CA ALA B 144 5.46 40.51 -18.88
C ALA B 144 6.88 41.02 -19.19
N VAL B 145 7.59 41.42 -18.14
CA VAL B 145 9.03 41.61 -18.25
C VAL B 145 9.64 40.30 -17.77
N LEU B 146 10.28 39.58 -18.70
CA LEU B 146 10.86 38.30 -18.43
C LEU B 146 12.39 38.35 -18.38
N VAL B 147 12.96 37.80 -17.32
CA VAL B 147 14.42 37.79 -17.12
C VAL B 147 14.84 36.34 -16.98
N SER B 148 15.91 35.95 -17.68
CA SER B 148 16.57 34.67 -17.39
C SER B 148 18.11 34.84 -17.25
N MET B 149 18.73 34.05 -16.37
CA MET B 149 20.19 34.18 -16.14
C MET B 149 20.91 32.86 -16.34
N ASN B 150 22.17 32.94 -16.71
CA ASN B 150 23.06 31.79 -16.61
C ASN B 150 23.61 31.69 -15.19
N TYR B 151 23.78 30.47 -14.71
CA TYR B 151 24.48 30.22 -13.44
C TYR B 151 25.45 29.02 -13.62
N ARG B 152 26.56 29.03 -12.90
CA ARG B 152 27.52 27.91 -12.98
C ARG B 152 26.89 26.57 -12.58
N VAL B 153 27.29 25.50 -13.24
CA VAL B 153 26.73 24.20 -13.00
C VAL B 153 27.90 23.23 -12.89
N GLY B 154 27.63 21.96 -12.63
CA GLY B 154 28.68 20.97 -12.36
C GLY B 154 29.66 21.41 -11.29
N THR B 155 30.92 21.10 -11.52
CA THR B 155 31.98 21.41 -10.55
C THR B 155 32.16 22.89 -10.38
N PHE B 156 32.05 23.64 -11.48
CA PHE B 156 32.25 25.08 -11.46
C PHE B 156 31.25 25.83 -10.62
N GLY B 157 30.01 25.33 -10.57
CA GLY B 157 29.00 26.00 -9.76
C GLY B 157 28.82 25.40 -8.38
N PHE B 158 29.21 24.14 -8.23
CA PHE B 158 28.76 23.37 -7.09
C PHE B 158 29.78 22.57 -6.30
N LEU B 159 31.01 22.43 -6.81
CA LEU B 159 32.08 21.76 -6.07
C LEU B 159 32.44 22.53 -4.80
N ALA B 160 32.35 21.85 -3.66
CA ALA B 160 32.61 22.51 -2.38
C ALA B 160 33.62 21.73 -1.54
N LEU B 161 34.54 22.47 -0.93
CA LEU B 161 35.25 21.96 0.23
C LEU B 161 34.71 22.79 1.38
N PRO B 162 33.58 22.34 1.95
CA PRO B 162 32.86 23.15 2.94
C PRO B 162 33.78 23.61 4.04
N GLY B 163 33.59 24.85 4.49
CA GLY B 163 34.46 25.47 5.47
C GLY B 163 35.65 26.20 4.87
N SER B 164 36.12 25.76 3.70
CA SER B 164 37.26 26.42 3.02
C SER B 164 36.91 27.85 2.58
N ARG B 165 37.92 28.68 2.35
CA ARG B 165 37.69 30.04 1.85
C ARG B 165 37.52 30.05 0.34
N GLU B 166 38.16 29.08 -0.31
CA GLU B 166 38.38 29.13 -1.75
C GLU B 166 37.37 28.30 -2.57
N ALA B 167 36.68 27.37 -1.94
CA ALA B 167 35.58 26.65 -2.58
C ALA B 167 34.44 26.36 -1.58
N PRO B 168 33.69 27.42 -1.20
CA PRO B 168 32.72 27.26 -0.10
C PRO B 168 31.41 26.54 -0.49
N GLY B 169 31.26 26.17 -1.75
CA GLY B 169 30.03 25.56 -2.23
C GLY B 169 28.89 26.53 -2.52
N ASN B 170 27.87 26.04 -3.22
CA ASN B 170 26.68 26.83 -3.58
C ASN B 170 26.91 28.09 -4.46
N VAL B 171 28.04 28.18 -5.15
CA VAL B 171 28.31 29.43 -5.86
C VAL B 171 27.34 29.58 -7.05
N GLY B 172 26.93 28.48 -7.66
CA GLY B 172 25.93 28.51 -8.73
C GLY B 172 24.67 29.19 -8.21
N LEU B 173 24.36 28.97 -6.93
CA LEU B 173 23.15 29.52 -6.36
C LEU B 173 23.36 30.99 -6.12
N LEU B 174 24.60 31.35 -5.81
CA LEU B 174 24.93 32.74 -5.54
C LEU B 174 24.94 33.54 -6.84
N ASP B 175 25.34 32.86 -7.92
CA ASP B 175 25.20 33.40 -9.26
C ASP B 175 23.74 33.81 -9.45
N GLN B 176 22.83 32.90 -9.14
CA GLN B 176 21.42 33.21 -9.24
C GLN B 176 21.03 34.40 -8.38
N ARG B 177 21.47 34.42 -7.13
CA ARG B 177 21.16 35.50 -6.22
C ARG B 177 21.67 36.84 -6.72
N LEU B 178 22.91 36.88 -7.21
CA LEU B 178 23.45 38.11 -7.81
C LEU B 178 22.58 38.58 -8.99
N ALA B 179 22.12 37.67 -9.84
CA ALA B 179 21.24 38.06 -10.94
C ALA B 179 19.91 38.64 -10.42
N LEU B 180 19.40 38.09 -9.32
CA LEU B 180 18.25 38.65 -8.62
C LEU B 180 18.49 40.05 -8.04
N GLN B 181 19.68 40.25 -7.43
CA GLN B 181 20.07 41.60 -6.98
C GLN B 181 20.11 42.55 -8.18
N TRP B 182 20.65 42.05 -9.29
CA TRP B 182 20.80 42.85 -10.47
C TRP B 182 19.42 43.39 -10.89
N VAL B 183 18.42 42.52 -10.81
CA VAL B 183 17.03 42.87 -11.12
C VAL B 183 16.45 43.93 -10.16
N GLN B 184 16.63 43.80 -8.84
CA GLN B 184 16.20 44.86 -7.92
C GLN B 184 16.74 46.22 -8.37
N GLU B 185 17.99 46.24 -8.80
CA GLU B 185 18.69 47.50 -9.06
C GLU B 185 18.45 48.05 -10.47
N ASN B 186 18.00 47.24 -11.40
CA ASN B 186 18.06 47.62 -12.80
C ASN B 186 16.79 47.40 -13.61
N ILE B 187 15.87 46.59 -13.10
CA ILE B 187 14.75 46.20 -13.92
C ILE B 187 13.82 47.41 -14.19
N ALA B 188 13.71 48.34 -13.23
CA ALA B 188 12.94 49.58 -13.42
C ALA B 188 13.28 50.30 -14.73
N ALA B 189 14.56 50.31 -15.09
CA ALA B 189 15.04 50.91 -16.34
C ALA B 189 14.45 50.25 -17.59
N PHE B 190 13.93 49.04 -17.45
CA PHE B 190 13.32 48.33 -18.57
C PHE B 190 11.81 48.36 -18.42
N GLY B 191 11.37 48.98 -17.32
CA GLY B 191 9.94 49.12 -17.02
C GLY B 191 9.36 47.91 -16.30
N GLY B 192 10.24 47.11 -15.70
CA GLY B 192 9.80 46.07 -14.78
C GLY B 192 9.60 46.68 -13.41
N ASP B 193 8.80 46.01 -12.58
CA ASP B 193 8.51 46.45 -11.23
C ASP B 193 9.39 45.63 -10.28
N PRO B 194 10.43 46.25 -9.67
CA PRO B 194 11.26 45.41 -8.81
C PRO B 194 10.46 45.01 -7.60
N MET B 195 9.27 45.59 -7.43
CA MET B 195 8.45 45.25 -6.28
C MET B 195 7.49 44.10 -6.45
N SER B 196 7.44 43.59 -7.68
CA SER B 196 6.65 42.43 -8.01
C SER B 196 7.51 41.53 -8.89
N VAL B 197 8.30 40.70 -8.23
CA VAL B 197 9.22 39.76 -8.85
C VAL B 197 8.80 38.34 -8.50
N THR B 198 8.64 37.50 -9.50
CA THR B 198 8.19 36.12 -9.35
C THR B 198 9.25 35.19 -9.93
N LEU B 199 9.74 34.27 -9.11
CA LEU B 199 10.71 33.32 -9.62
C LEU B 199 9.96 32.17 -10.21
N PHE B 200 10.44 31.63 -11.32
CA PHE B 200 9.97 30.33 -11.75
C PHE B 200 11.07 29.50 -12.32
N GLY B 201 10.96 28.19 -12.17
CA GLY B 201 12.05 27.33 -12.52
C GLY B 201 11.52 25.94 -12.64
N GLU B 202 12.26 25.09 -13.33
CA GLU B 202 11.84 23.71 -13.52
C GLU B 202 12.95 22.75 -13.15
N SER B 203 12.57 21.59 -12.61
CA SER B 203 13.52 20.56 -12.13
C SER B 203 14.60 21.17 -11.17
N ALA B 204 15.90 21.10 -11.52
CA ALA B 204 16.94 21.69 -10.65
C ALA B 204 16.70 23.21 -10.49
N GLY B 205 16.08 23.82 -11.50
CA GLY B 205 15.64 25.20 -11.39
C GLY B 205 14.56 25.41 -10.33
N ALA B 206 13.60 24.48 -10.27
CA ALA B 206 12.59 24.51 -9.23
C ALA B 206 13.26 24.36 -7.84
N ALA B 207 14.11 23.34 -7.65
CA ALA B 207 14.97 23.25 -6.45
C ALA B 207 15.69 24.56 -6.10
N SER B 208 16.26 25.21 -7.11
CA SER B 208 16.92 26.50 -6.89
C SER B 208 15.91 27.49 -6.40
N VAL B 209 14.74 27.54 -7.02
CA VAL B 209 13.72 28.47 -6.55
C VAL B 209 13.47 28.18 -5.06
N GLY B 210 13.26 26.91 -4.72
CA GLY B 210 13.01 26.50 -3.35
C GLY B 210 14.11 26.91 -2.40
N MET B 211 15.35 26.85 -2.85
CA MET B 211 16.42 27.34 -1.97
C MET B 211 16.42 28.85 -1.75
N HIS B 212 16.02 29.65 -2.74
CA HIS B 212 15.92 31.09 -2.46
C HIS B 212 14.82 31.34 -1.46
N ILE B 213 13.80 30.49 -1.49
CA ILE B 213 12.76 30.55 -0.47
C ILE B 213 13.33 30.31 0.93
N LEU B 214 14.25 29.37 1.04
CA LEU B 214 14.74 28.93 2.32
C LEU B 214 16.02 29.63 2.71
N SER B 215 16.46 30.60 1.90
CA SER B 215 17.68 31.33 2.22
C SER B 215 17.39 32.79 2.41
N LEU B 216 17.58 33.23 3.65
CA LEU B 216 17.06 34.52 4.09
C LEU B 216 17.51 35.68 3.21
N PRO B 217 18.82 35.78 2.89
CA PRO B 217 19.24 36.89 2.04
C PRO B 217 18.59 36.95 0.63
N SER B 218 18.01 35.85 0.15
CA SER B 218 17.31 35.86 -1.15
C SER B 218 15.90 36.39 -1.05
N ARG B 219 15.30 36.22 0.13
CA ARG B 219 13.88 36.54 0.39
C ARG B 219 13.48 37.96 0.07
N SER B 220 14.38 38.90 0.30
CA SER B 220 14.09 40.29 -0.04
C SER B 220 14.15 40.58 -1.56
N LEU B 221 14.44 39.57 -2.38
CA LEU B 221 14.69 39.80 -3.80
C LEU B 221 13.56 39.31 -4.72
N PHE B 222 12.56 38.61 -4.15
CA PHE B 222 11.36 38.22 -4.91
C PHE B 222 10.16 38.22 -4.00
N HIS B 223 8.97 37.99 -4.56
CA HIS B 223 7.73 38.08 -3.77
C HIS B 223 6.87 36.84 -3.90
N ARG B 224 7.22 35.97 -4.86
CA ARG B 224 6.41 34.79 -5.17
C ARG B 224 7.28 33.77 -5.92
N ALA B 225 6.86 32.51 -5.90
CA ALA B 225 7.67 31.46 -6.45
C ALA B 225 6.81 30.44 -7.16
N VAL B 226 7.37 29.87 -8.24
CA VAL B 226 6.76 28.77 -8.98
C VAL B 226 7.80 27.67 -9.10
N LEU B 227 7.47 26.49 -8.60
CA LEU B 227 8.37 25.34 -8.59
C LEU B 227 7.79 24.26 -9.51
N GLN B 228 8.39 24.07 -10.68
CA GLN B 228 7.85 23.08 -11.60
C GLN B 228 8.68 21.84 -11.48
N SER B 229 8.05 20.75 -11.07
CA SER B 229 8.72 19.46 -10.99
C SER B 229 10.03 19.41 -10.23
N GLY B 230 10.18 20.16 -9.16
CA GLY B 230 11.38 20.06 -8.34
C GLY B 230 11.19 20.78 -7.02
N THR B 231 12.04 20.42 -6.05
CA THR B 231 11.92 20.91 -4.69
C THR B 231 13.30 20.97 -4.06
N PRO B 232 13.48 21.83 -3.05
CA PRO B 232 14.75 21.81 -2.34
C PRO B 232 14.92 20.58 -1.47
N ASN B 233 13.83 20.07 -0.91
CA ASN B 233 13.85 18.84 -0.11
C ASN B 233 13.92 17.63 -1.02
N GLY B 234 14.14 16.47 -0.44
CA GLY B 234 14.19 15.23 -1.21
C GLY B 234 15.58 14.71 -1.54
N PRO B 235 15.61 13.55 -2.20
CA PRO B 235 16.83 12.74 -2.31
C PRO B 235 18.00 13.35 -3.08
N TRP B 236 17.74 14.19 -4.08
CA TRP B 236 18.75 14.55 -5.09
C TRP B 236 19.30 15.96 -5.05
N ALA B 237 18.57 16.87 -4.43
CA ALA B 237 18.85 18.27 -4.60
C ALA B 237 19.96 18.81 -3.71
N THR B 238 20.17 18.20 -2.56
CA THR B 238 21.26 18.65 -1.67
C THR B 238 22.13 17.49 -1.34
N VAL B 239 23.32 17.80 -0.81
CA VAL B 239 24.20 16.80 -0.18
C VAL B 239 24.71 17.41 1.10
N SER B 240 25.18 16.58 2.02
CA SER B 240 25.78 17.08 3.27
C SER B 240 27.16 17.67 2.98
N ALA B 241 27.71 18.38 3.96
CA ALA B 241 29.09 18.88 3.86
C ALA B 241 30.02 17.67 3.69
N GLY B 242 29.86 16.69 4.59
CA GLY B 242 30.69 15.47 4.55
C GLY B 242 30.75 14.87 3.15
N GLU B 243 29.59 14.73 2.53
CA GLU B 243 29.51 14.08 1.24
C GLU B 243 30.06 14.99 0.12
N ALA B 244 29.94 16.30 0.30
CA ALA B 244 30.44 17.24 -0.71
C ALA B 244 31.97 17.23 -0.67
N ARG B 245 32.53 17.17 0.54
CA ARG B 245 33.97 17.09 0.72
C ARG B 245 34.49 15.83 0.07
N ARG B 246 33.71 14.76 0.19
CA ARG B 246 34.12 13.46 -0.26
C ARG B 246 34.22 13.47 -1.78
N ARG B 247 33.18 13.97 -2.45
CA ARG B 247 33.17 14.02 -3.91
C ARG B 247 34.22 15.00 -4.43
N ALA B 248 34.37 16.15 -3.76
CA ALA B 248 35.36 17.14 -4.18
C ALA B 248 36.75 16.54 -4.12
N THR B 249 37.15 16.01 -2.94
CA THR B 249 38.47 15.36 -2.80
C THR B 249 38.63 14.20 -3.79
N LEU B 250 37.58 13.44 -4.04
CA LEU B 250 37.69 12.37 -5.00
C LEU B 250 37.84 12.89 -6.44
N LEU B 251 37.29 14.06 -6.73
CA LEU B 251 37.41 14.57 -8.12
C LEU B 251 38.85 15.04 -8.29
N ALA B 252 39.37 15.67 -7.24
CA ALA B 252 40.77 16.08 -7.18
C ALA B 252 41.70 14.90 -7.46
N ARG B 253 41.65 13.88 -6.60
CA ARG B 253 42.46 12.67 -6.80
C ARG B 253 42.36 12.21 -8.25
N LEU B 254 41.15 12.13 -8.79
CA LEU B 254 40.97 11.62 -10.16
C LEU B 254 41.65 12.45 -11.25
N VAL B 255 41.87 13.74 -11.02
CA VAL B 255 42.50 14.58 -12.06
C VAL B 255 43.92 14.95 -11.65
N GLY B 256 44.47 14.17 -10.71
CA GLY B 256 45.84 14.28 -10.27
C GLY B 256 46.09 15.40 -9.30
N CYS B 257 45.25 15.56 -8.28
CA CYS B 257 45.53 16.57 -7.23
C CYS B 257 45.43 16.00 -5.82
N ASN B 265 45.29 19.22 2.20
CA ASN B 265 45.02 20.63 2.58
C ASN B 265 44.18 21.44 1.56
N ASP B 266 43.09 22.08 2.04
CA ASP B 266 42.09 22.75 1.19
C ASP B 266 42.67 23.73 0.18
N THR B 267 43.40 24.73 0.68
CA THR B 267 44.02 25.74 -0.18
C THR B 267 44.86 25.15 -1.30
N GLU B 268 45.69 24.16 -0.98
CA GLU B 268 46.57 23.49 -1.96
C GLU B 268 45.76 22.74 -3.01
N LEU B 269 44.73 22.04 -2.53
CA LEU B 269 43.91 21.19 -3.39
C LEU B 269 43.14 22.04 -4.42
N ILE B 270 42.55 23.13 -3.95
CA ILE B 270 41.85 24.02 -4.85
C ILE B 270 42.79 24.67 -5.87
N ALA B 271 43.90 25.25 -5.40
CA ALA B 271 44.92 25.81 -6.32
C ALA B 271 45.14 24.83 -7.47
N CYS B 272 45.43 23.58 -7.14
CA CYS B 272 45.66 22.57 -8.17
C CYS B 272 44.48 22.43 -9.13
N LEU B 273 43.27 22.40 -8.58
CA LEU B 273 42.04 22.24 -9.37
C LEU B 273 41.83 23.39 -10.36
N ARG B 274 42.16 24.60 -9.91
CA ARG B 274 42.13 25.77 -10.77
C ARG B 274 43.08 25.71 -11.96
N THR B 275 44.18 24.96 -11.86
CA THR B 275 45.10 24.89 -12.98
C THR B 275 44.61 23.95 -14.07
N ARG B 276 43.53 23.23 -13.82
CA ARG B 276 43.04 22.25 -14.82
C ARG B 276 42.09 22.83 -15.87
N PRO B 277 42.26 22.44 -17.16
CA PRO B 277 41.25 22.77 -18.18
C PRO B 277 39.82 22.33 -17.83
N ALA B 278 38.87 23.25 -17.94
CA ALA B 278 37.45 22.95 -17.77
C ALA B 278 37.06 21.52 -18.13
N GLN B 279 37.40 21.06 -19.33
CA GLN B 279 36.92 19.74 -19.77
C GLN B 279 37.50 18.58 -18.94
N ASP B 280 38.65 18.79 -18.30
CA ASP B 280 39.25 17.76 -17.46
C ASP B 280 38.42 17.47 -16.22
N LEU B 281 37.91 18.54 -15.59
CA LEU B 281 36.94 18.46 -14.52
C LEU B 281 35.66 17.71 -14.97
N VAL B 282 35.08 18.17 -16.07
CA VAL B 282 33.89 17.57 -16.63
C VAL B 282 34.07 16.09 -17.01
N ASP B 283 35.27 15.70 -17.48
CA ASP B 283 35.57 14.28 -17.81
C ASP B 283 35.28 13.31 -16.65
N HIS B 284 35.50 13.79 -15.42
CA HIS B 284 35.41 12.99 -14.20
C HIS B 284 34.26 13.38 -13.25
N GLU B 285 33.42 14.31 -13.70
CA GLU B 285 32.20 14.74 -12.99
C GLU B 285 31.35 13.54 -12.54
N TRP B 286 31.20 12.57 -13.45
CA TRP B 286 30.28 11.46 -13.26
C TRP B 286 30.84 10.21 -12.55
N HIS B 287 32.10 10.25 -12.13
CA HIS B 287 32.73 9.10 -11.49
C HIS B 287 32.81 9.23 -9.97
N VAL B 288 32.11 10.22 -9.41
CA VAL B 288 32.20 10.46 -7.97
C VAL B 288 30.95 10.03 -7.16
N LEU B 289 29.90 9.55 -7.84
CA LEU B 289 28.68 9.11 -7.13
C LEU B 289 28.90 7.80 -6.34
N PRO B 290 28.41 7.75 -5.08
CA PRO B 290 28.65 6.57 -4.21
C PRO B 290 28.09 5.25 -4.75
N GLN B 291 26.99 5.32 -5.49
CA GLN B 291 26.36 4.12 -6.07
C GLN B 291 25.97 4.37 -7.53
N GLU B 292 25.84 3.27 -8.28
CA GLU B 292 25.15 3.29 -9.55
C GLU B 292 23.76 3.82 -9.21
N SER B 293 23.22 4.66 -10.08
CA SER B 293 22.01 5.39 -9.77
C SER B 293 21.49 6.12 -10.98
N ILE B 294 20.24 6.56 -10.91
CA ILE B 294 19.72 7.56 -11.83
C ILE B 294 19.11 8.65 -10.96
N PHE B 295 18.82 9.81 -11.54
CA PHE B 295 18.28 10.96 -10.81
C PHE B 295 19.13 11.30 -9.59
N ARG B 296 20.43 11.19 -9.78
CA ARG B 296 21.41 11.55 -8.77
C ARG B 296 22.57 12.21 -9.54
N PHE B 297 23.14 13.26 -8.97
CA PHE B 297 24.04 14.12 -9.70
C PHE B 297 25.11 14.56 -8.73
N SER B 298 26.35 14.59 -9.22
CA SER B 298 27.56 14.69 -8.41
C SER B 298 27.68 15.99 -7.66
N PHE B 299 27.48 17.12 -8.34
CA PHE B 299 27.71 18.42 -7.68
C PHE B 299 26.45 19.27 -7.64
N VAL B 300 25.92 19.37 -6.43
CA VAL B 300 24.61 19.97 -6.21
C VAL B 300 24.71 20.89 -4.98
N PRO B 301 23.73 21.74 -4.74
CA PRO B 301 23.85 22.54 -3.54
C PRO B 301 24.22 21.71 -2.29
N VAL B 302 24.97 22.32 -1.38
CA VAL B 302 25.44 21.64 -0.17
C VAL B 302 24.86 22.30 1.10
N VAL B 303 24.49 21.49 2.07
CA VAL B 303 24.02 22.02 3.35
C VAL B 303 25.29 22.50 4.07
N ASP B 304 25.48 23.81 4.06
CA ASP B 304 26.76 24.41 4.39
C ASP B 304 26.67 25.22 5.68
N GLY B 305 25.46 25.32 6.22
CA GLY B 305 25.24 26.12 7.41
C GLY B 305 25.35 27.59 7.08
N ASP B 306 25.58 27.90 5.81
CA ASP B 306 25.62 29.29 5.37
C ASP B 306 24.43 29.67 4.46
N PHE B 307 24.54 29.41 3.16
CA PHE B 307 23.40 29.60 2.25
C PHE B 307 22.18 28.84 2.79
N LEU B 308 22.41 27.59 3.15
CA LEU B 308 21.39 26.76 3.74
C LEU B 308 21.80 26.48 5.17
N SER B 309 21.14 27.15 6.12
CA SER B 309 21.49 27.09 7.53
C SER B 309 21.30 25.69 8.18
N ASP B 310 20.39 24.91 7.62
CA ASP B 310 20.10 23.56 8.10
C ASP B 310 19.69 22.77 6.86
N THR B 311 19.24 21.52 7.00
CA THR B 311 18.73 20.82 5.82
C THR B 311 17.44 21.46 5.33
N PRO B 312 17.17 21.37 4.02
CA PRO B 312 15.89 21.85 3.52
C PRO B 312 14.70 21.22 4.24
N GLU B 313 14.79 19.94 4.60
CA GLU B 313 13.70 19.31 5.38
C GLU B 313 13.47 20.05 6.69
N ALA B 314 14.55 20.27 7.45
CA ALA B 314 14.47 21.01 8.70
C ALA B 314 13.90 22.40 8.46
N LEU B 315 14.33 23.02 7.36
CA LEU B 315 13.97 24.41 7.10
C LEU B 315 12.51 24.59 6.65
N ILE B 316 11.95 23.57 6.00
CA ILE B 316 10.54 23.64 5.58
C ILE B 316 9.62 23.23 6.73
N ASN B 317 10.10 22.38 7.64
CA ASN B 317 9.33 22.03 8.84
C ASN B 317 9.15 23.18 9.83
N THR B 318 10.04 24.16 9.81
CA THR B 318 10.03 25.17 10.85
C THR B 318 9.91 26.60 10.33
N GLY B 319 10.15 26.81 9.04
CA GLY B 319 10.10 28.17 8.52
C GLY B 319 8.75 28.83 8.71
N ASP B 320 8.70 30.15 8.53
CA ASP B 320 7.43 30.88 8.59
C ASP B 320 7.13 31.56 7.26
N PHE B 321 6.11 31.03 6.56
CA PHE B 321 5.87 31.41 5.19
C PHE B 321 4.61 32.26 4.99
N GLN B 322 4.29 33.09 5.99
CA GLN B 322 3.02 33.82 6.02
C GLN B 322 2.79 34.65 4.75
N ASP B 323 3.81 35.38 4.30
CA ASP B 323 3.57 36.28 3.17
C ASP B 323 4.18 35.76 1.90
N LEU B 324 3.84 34.52 1.58
CA LEU B 324 4.40 33.89 0.42
C LEU B 324 3.31 33.24 -0.40
N GLN B 325 3.28 33.52 -1.71
CA GLN B 325 2.46 32.73 -2.62
C GLN B 325 3.36 31.80 -3.43
N VAL B 326 2.96 30.55 -3.56
CA VAL B 326 3.75 29.54 -4.24
C VAL B 326 2.86 28.74 -5.18
N LEU B 327 3.33 28.53 -6.40
CA LEU B 327 2.70 27.63 -7.35
C LEU B 327 3.65 26.42 -7.61
N VAL B 328 3.18 25.20 -7.33
CA VAL B 328 3.98 23.98 -7.47
C VAL B 328 3.22 22.94 -8.28
N GLY B 329 3.93 22.16 -9.08
CA GLY B 329 3.29 21.08 -9.76
C GLY B 329 4.25 20.06 -10.33
N VAL B 330 3.69 19.01 -10.89
CA VAL B 330 4.43 17.95 -11.51
C VAL B 330 3.77 17.64 -12.87
N VAL B 331 4.47 16.87 -13.70
CA VAL B 331 3.93 16.40 -14.95
C VAL B 331 3.45 14.98 -14.72
N LYS B 332 2.74 14.42 -15.70
CA LYS B 332 2.13 13.12 -15.51
C LYS B 332 3.16 12.02 -15.37
N ASP B 333 4.36 12.20 -15.89
CA ASP B 333 5.31 11.09 -15.91
C ASP B 333 6.73 11.50 -15.54
N GLU B 334 6.88 12.03 -14.32
CA GLU B 334 8.18 12.52 -13.84
C GLU B 334 9.35 11.53 -13.98
N GLY B 335 9.05 10.24 -13.98
CA GLY B 335 10.10 9.28 -13.95
C GLY B 335 10.54 8.61 -15.25
N SER B 336 9.81 8.83 -16.33
CA SER B 336 10.05 8.07 -17.54
C SER B 336 11.42 8.41 -18.16
N TYR B 337 11.75 9.69 -18.13
CA TYR B 337 12.88 10.22 -18.88
C TYR B 337 14.21 9.58 -18.51
N PHE B 338 14.49 9.43 -17.22
CA PHE B 338 15.80 8.95 -16.83
C PHE B 338 16.00 7.45 -16.91
N LEU B 339 14.91 6.73 -17.16
CA LEU B 339 14.98 5.27 -17.22
C LEU B 339 15.96 4.80 -18.31
N VAL B 340 15.91 5.47 -19.46
CA VAL B 340 16.78 5.15 -20.62
C VAL B 340 18.27 5.49 -20.39
N TYR B 341 18.56 6.20 -19.32
CA TYR B 341 19.93 6.62 -19.05
C TYR B 341 20.65 5.66 -18.10
N GLY B 342 20.14 4.45 -17.93
CA GLY B 342 20.87 3.49 -17.09
C GLY B 342 20.08 2.46 -16.33
N VAL B 343 18.83 2.27 -16.71
CA VAL B 343 18.10 1.12 -16.22
C VAL B 343 18.02 0.08 -17.33
N PRO B 344 18.69 -1.09 -17.14
CA PRO B 344 18.63 -2.14 -18.17
C PRO B 344 17.19 -2.45 -18.57
N GLY B 345 16.95 -2.52 -19.87
CA GLY B 345 15.64 -2.92 -20.36
C GLY B 345 14.93 -1.73 -20.95
N PHE B 346 15.46 -0.54 -20.69
CA PHE B 346 14.80 0.68 -21.15
C PHE B 346 15.52 1.32 -22.34
N SER B 347 14.72 1.65 -23.36
CA SER B 347 15.19 2.35 -24.57
C SER B 347 14.05 3.14 -25.18
N LYS B 348 14.38 4.26 -25.83
CA LYS B 348 13.40 5.07 -26.55
C LYS B 348 12.93 4.40 -27.84
N ASP B 349 13.70 3.41 -28.31
CA ASP B 349 13.48 2.85 -29.63
C ASP B 349 12.43 1.72 -29.65
N ASN B 350 12.51 0.79 -28.70
CA ASN B 350 11.41 -0.18 -28.49
C ASN B 350 10.39 0.34 -27.46
N GLU B 351 9.50 -0.53 -26.96
CA GLU B 351 8.49 -0.17 -25.98
C GLU B 351 8.89 -0.52 -24.52
N SER B 352 10.11 -1.01 -24.35
CA SER B 352 10.67 -1.34 -23.02
C SER B 352 9.73 -2.11 -22.10
N LEU B 353 9.11 -3.16 -22.64
CA LEU B 353 8.39 -4.13 -21.82
C LEU B 353 9.41 -4.94 -21.06
N ILE B 354 9.61 -4.62 -19.80
CA ILE B 354 10.61 -5.27 -18.96
C ILE B 354 10.10 -6.48 -18.17
N SER B 355 11.04 -7.29 -17.70
CA SER B 355 10.74 -8.47 -16.88
C SER B 355 10.71 -8.09 -15.39
N ARG B 356 10.25 -9.01 -14.56
CA ARG B 356 10.22 -8.82 -13.12
C ARG B 356 11.62 -8.66 -12.52
N ALA B 357 12.60 -9.36 -13.07
CA ALA B 357 13.96 -9.32 -12.47
C ALA B 357 14.59 -7.96 -12.77
N GLN B 358 14.36 -7.51 -14.00
CA GLN B 358 14.79 -6.18 -14.44
C GLN B 358 14.19 -5.08 -13.55
N PHE B 359 12.93 -5.29 -13.15
CA PHE B 359 12.25 -4.37 -12.24
C PHE B 359 12.91 -4.34 -10.86
N LEU B 360 13.32 -5.49 -10.31
CA LEU B 360 13.94 -5.47 -8.97
C LEU B 360 15.31 -4.82 -9.00
N ALA B 361 16.06 -5.07 -10.08
CA ALA B 361 17.40 -4.47 -10.25
C ALA B 361 17.31 -2.99 -10.62
N GLY B 362 16.26 -2.64 -11.37
CA GLY B 362 15.93 -1.26 -11.69
C GLY B 362 15.63 -0.42 -10.46
N VAL B 363 15.03 -1.03 -9.44
CA VAL B 363 14.69 -0.34 -8.19
C VAL B 363 15.94 -0.04 -7.35
N ARG B 364 16.95 -0.90 -7.39
CA ARG B 364 18.19 -0.63 -6.62
C ARG B 364 18.94 0.54 -7.27
N ILE B 365 18.69 0.76 -8.56
CA ILE B 365 19.26 1.90 -9.29
C ILE B 365 18.44 3.19 -9.07
N GLY B 366 17.11 3.05 -9.06
CA GLY B 366 16.19 4.17 -8.83
C GLY B 366 16.13 4.63 -7.39
N VAL B 367 16.34 3.72 -6.45
CA VAL B 367 16.40 4.07 -5.04
C VAL B 367 17.76 3.61 -4.53
N PRO B 368 18.82 4.32 -4.93
CA PRO B 368 20.19 3.84 -4.68
C PRO B 368 20.57 3.84 -3.20
N GLN B 369 19.91 4.69 -2.40
CA GLN B 369 20.21 4.80 -0.98
C GLN B 369 19.44 3.79 -0.18
N ALA B 370 18.64 2.96 -0.87
CA ALA B 370 17.76 1.97 -0.25
C ALA B 370 18.48 0.71 0.16
N SER B 371 18.30 0.34 1.43
CA SER B 371 18.74 -0.93 1.97
C SER B 371 17.97 -2.05 1.30
N ASP B 372 18.41 -3.29 1.50
CA ASP B 372 17.68 -4.46 0.97
C ASP B 372 16.20 -4.54 1.33
N LEU B 373 15.91 -4.27 2.61
CA LEU B 373 14.55 -4.28 3.12
C LEU B 373 13.71 -3.14 2.52
N ALA B 374 14.29 -1.93 2.47
CA ALA B 374 13.58 -0.80 1.90
C ALA B 374 13.31 -1.04 0.42
N ALA B 375 14.30 -1.58 -0.28
CA ALA B 375 14.16 -1.97 -1.68
C ALA B 375 12.94 -2.86 -1.86
N GLU B 376 12.78 -3.79 -0.92
CA GLU B 376 11.72 -4.76 -1.01
C GLU B 376 10.36 -4.13 -0.74
N ALA B 377 10.32 -3.22 0.21
CA ALA B 377 9.09 -2.49 0.49
C ALA B 377 8.59 -1.82 -0.79
N VAL B 378 9.52 -1.22 -1.54
CA VAL B 378 9.19 -0.48 -2.73
C VAL B 378 8.63 -1.42 -3.77
N VAL B 379 9.34 -2.51 -4.03
CA VAL B 379 8.87 -3.52 -4.97
C VAL B 379 7.47 -4.01 -4.63
N LEU B 380 7.30 -4.33 -3.36
CA LEU B 380 6.07 -4.93 -2.86
C LEU B 380 4.92 -3.92 -2.93
N HIS B 381 5.25 -2.65 -2.76
CA HIS B 381 4.28 -1.57 -2.89
C HIS B 381 3.85 -1.33 -4.32
N TYR B 382 4.81 -1.36 -5.23
CA TYR B 382 4.58 -0.94 -6.60
C TYR B 382 4.18 -2.06 -7.52
N THR B 383 4.41 -3.31 -7.11
CA THR B 383 3.90 -4.44 -7.87
C THR B 383 2.38 -4.42 -7.86
N ASP B 384 1.78 -4.59 -9.02
CA ASP B 384 0.36 -4.88 -9.10
C ASP B 384 0.14 -6.40 -8.88
N TRP B 385 -0.37 -6.79 -7.71
CA TRP B 385 -0.45 -8.21 -7.37
C TRP B 385 -1.46 -9.07 -8.16
N LEU B 386 -2.34 -8.39 -8.89
CA LEU B 386 -3.24 -9.06 -9.84
C LEU B 386 -2.51 -9.44 -11.11
N HIS B 387 -1.43 -8.74 -11.41
CA HIS B 387 -0.62 -9.01 -12.61
C HIS B 387 0.85 -8.83 -12.23
N PRO B 388 1.35 -9.66 -11.31
CA PRO B 388 2.70 -9.46 -10.77
C PRO B 388 3.79 -9.40 -11.83
N GLU B 389 3.55 -10.02 -12.98
CA GLU B 389 4.61 -10.22 -13.98
C GLU B 389 4.36 -9.60 -15.35
N ASP B 390 3.21 -8.95 -15.51
CA ASP B 390 2.92 -8.23 -16.73
C ASP B 390 4.02 -7.18 -16.97
N PRO B 391 4.68 -7.22 -18.14
CA PRO B 391 5.73 -6.25 -18.46
C PRO B 391 5.27 -4.79 -18.63
N THR B 392 4.07 -4.53 -19.16
CA THR B 392 3.56 -3.14 -19.26
C THR B 392 3.47 -2.50 -17.88
N HIS B 393 2.81 -3.20 -16.96
CA HIS B 393 2.69 -2.74 -15.56
C HIS B 393 4.07 -2.52 -14.96
N LEU B 394 4.95 -3.51 -15.08
CA LEU B 394 6.30 -3.39 -14.53
C LEU B 394 7.12 -2.20 -15.09
N ARG B 395 6.97 -1.93 -16.38
CA ARG B 395 7.61 -0.80 -17.01
C ARG B 395 7.02 0.49 -16.44
N ASP B 396 5.69 0.58 -16.36
CA ASP B 396 5.05 1.80 -15.81
C ASP B 396 5.35 2.01 -14.32
N ALA B 397 5.42 0.93 -13.55
CA ALA B 397 5.77 1.00 -12.12
C ALA B 397 7.18 1.53 -11.89
N MET B 398 8.12 1.09 -12.73
CA MET B 398 9.49 1.59 -12.70
C MET B 398 9.51 3.11 -12.82
N SER B 399 8.80 3.60 -13.85
CA SER B 399 8.68 5.02 -14.10
C SER B 399 8.16 5.71 -12.85
N ALA B 400 7.02 5.23 -12.36
CA ALA B 400 6.40 5.76 -11.14
C ALA B 400 7.28 5.73 -9.88
N VAL B 401 8.07 4.68 -9.68
CA VAL B 401 8.99 4.66 -8.52
C VAL B 401 9.90 5.88 -8.55
N VAL B 402 10.54 6.08 -9.70
CA VAL B 402 11.50 7.15 -9.89
C VAL B 402 10.83 8.52 -9.81
N GLY B 403 9.69 8.68 -10.47
CA GLY B 403 9.00 9.96 -10.42
C GLY B 403 8.49 10.25 -9.02
N ASP B 404 7.89 9.24 -8.38
CA ASP B 404 7.32 9.45 -7.05
C ASP B 404 8.42 9.82 -6.08
N HIS B 405 9.46 9.01 -5.98
CA HIS B 405 10.54 9.15 -4.99
C HIS B 405 11.25 10.48 -5.16
N ASN B 406 11.49 10.88 -6.41
CA ASN B 406 12.31 12.06 -6.70
C ASN B 406 11.52 13.33 -6.83
N VAL B 407 10.31 13.25 -7.40
CA VAL B 407 9.56 14.48 -7.64
C VAL B 407 8.18 14.61 -6.94
N VAL B 408 7.24 13.70 -7.25
CA VAL B 408 5.87 13.85 -6.81
C VAL B 408 5.75 13.91 -5.28
N CYS B 409 6.32 12.93 -4.59
CA CYS B 409 6.28 12.94 -3.13
C CYS B 409 7.09 14.09 -2.48
N PRO B 410 8.31 14.38 -2.97
CA PRO B 410 8.91 15.61 -2.46
C PRO B 410 8.02 16.83 -2.65
N VAL B 411 7.33 16.93 -3.78
CA VAL B 411 6.47 18.09 -4.04
C VAL B 411 5.28 18.10 -3.07
N ALA B 412 4.62 16.96 -2.91
CA ALA B 412 3.51 16.81 -1.98
C ALA B 412 3.92 17.25 -0.57
N GLN B 413 5.10 16.80 -0.15
CA GLN B 413 5.66 17.17 1.14
C GLN B 413 5.87 18.69 1.27
N LEU B 414 6.56 19.30 0.31
CA LEU B 414 6.74 20.74 0.30
C LEU B 414 5.40 21.52 0.36
N ALA B 415 4.45 21.12 -0.48
CA ALA B 415 3.18 21.79 -0.59
C ALA B 415 2.43 21.75 0.74
N GLY B 416 2.40 20.58 1.37
CA GLY B 416 1.85 20.41 2.72
C GLY B 416 2.52 21.28 3.77
N ARG B 417 3.86 21.27 3.80
CA ARG B 417 4.56 22.07 4.80
C ARG B 417 4.32 23.57 4.60
N LEU B 418 4.53 24.05 3.38
CA LEU B 418 4.31 25.46 3.06
C LEU B 418 2.90 25.91 3.44
N ALA B 419 1.88 25.11 3.13
CA ALA B 419 0.49 25.49 3.42
C ALA B 419 0.19 25.52 4.92
N ALA B 420 0.66 24.48 5.64
CA ALA B 420 0.56 24.41 7.09
C ALA B 420 1.20 25.64 7.74
N GLN B 421 2.32 26.11 7.20
CA GLN B 421 3.04 27.22 7.79
C GLN B 421 2.76 28.59 7.17
N GLY B 422 1.55 28.73 6.62
CA GLY B 422 1.03 30.02 6.27
C GLY B 422 1.13 30.46 4.82
N ALA B 423 1.85 29.72 3.99
CA ALA B 423 1.95 30.11 2.59
C ALA B 423 0.62 29.90 1.85
N ARG B 424 0.37 30.67 0.80
CA ARG B 424 -0.76 30.43 -0.05
C ARG B 424 -0.20 29.57 -1.21
N VAL B 425 -0.70 28.34 -1.33
CA VAL B 425 -0.16 27.37 -2.28
C VAL B 425 -1.21 26.97 -3.32
N TYR B 426 -0.81 26.93 -4.60
CA TYR B 426 -1.61 26.33 -5.66
C TYR B 426 -0.84 25.17 -6.27
N ALA B 427 -1.53 24.09 -6.57
CA ALA B 427 -0.84 22.92 -7.06
C ALA B 427 -1.49 22.38 -8.34
N TYR B 428 -0.71 21.70 -9.17
CA TYR B 428 -1.15 21.25 -10.48
C TYR B 428 -0.46 19.94 -10.85
N ILE B 429 -1.13 19.15 -11.69
CA ILE B 429 -0.50 18.11 -12.47
C ILE B 429 -0.73 18.45 -13.96
N PHE B 430 0.32 18.30 -14.77
CA PHE B 430 0.29 18.65 -16.19
C PHE B 430 0.25 17.33 -16.98
N GLU B 431 -0.75 17.17 -17.85
CA GLU B 431 -1.06 15.84 -18.42
C GLU B 431 -1.14 15.81 -19.95
N HIS B 432 -0.88 16.95 -20.58
CA HIS B 432 -0.91 17.00 -22.02
C HIS B 432 0.44 16.65 -22.65
N ARG B 433 0.47 15.56 -23.41
CA ARG B 433 1.64 15.19 -24.21
C ARG B 433 1.63 15.99 -25.49
N ALA B 434 2.67 16.79 -25.72
CA ALA B 434 2.78 17.59 -26.93
C ALA B 434 2.71 16.71 -28.18
N SER B 435 1.97 17.17 -29.18
CA SER B 435 1.84 16.44 -30.44
C SER B 435 3.19 16.28 -31.14
N THR B 436 4.02 17.31 -31.10
CA THR B 436 5.38 17.28 -31.65
C THR B 436 6.42 16.44 -30.89
N LEU B 437 6.03 15.80 -29.79
CA LEU B 437 7.00 15.10 -28.92
C LEU B 437 7.69 13.96 -29.66
N THR B 438 9.01 13.90 -29.55
CA THR B 438 9.78 12.90 -30.30
C THR B 438 10.17 11.67 -29.50
N TRP B 439 9.88 11.67 -28.19
CA TRP B 439 10.09 10.48 -27.36
C TRP B 439 8.92 9.51 -27.59
N PRO B 440 9.12 8.22 -27.34
CA PRO B 440 8.03 7.26 -27.57
C PRO B 440 6.83 7.47 -26.63
N LEU B 441 5.67 6.93 -27.00
CA LEU B 441 4.45 7.10 -26.19
C LEU B 441 4.55 6.57 -24.76
N TRP B 442 5.25 5.44 -24.58
CA TRP B 442 5.33 4.84 -23.26
C TRP B 442 5.91 5.76 -22.16
N MET B 443 6.66 6.79 -22.55
CA MET B 443 7.22 7.77 -21.63
C MET B 443 6.22 8.85 -21.23
N GLY B 444 5.12 8.92 -21.96
CA GLY B 444 4.00 9.78 -21.59
C GLY B 444 4.35 11.24 -21.68
N VAL B 445 4.26 11.93 -20.54
CA VAL B 445 4.65 13.32 -20.44
C VAL B 445 5.90 13.33 -19.56
N PRO B 446 7.10 13.37 -20.17
CA PRO B 446 8.35 13.39 -19.39
C PRO B 446 8.60 14.78 -18.80
N HIS B 447 9.51 14.92 -17.82
CA HIS B 447 9.65 16.25 -17.21
C HIS B 447 10.27 17.19 -18.21
N GLY B 448 9.80 18.43 -18.20
CA GLY B 448 10.35 19.47 -19.05
C GLY B 448 9.47 19.75 -20.26
N TYR B 449 8.54 18.86 -20.57
CA TYR B 449 7.70 19.01 -21.76
C TYR B 449 6.44 19.82 -21.52
N GLU B 450 6.38 20.49 -20.37
CA GLU B 450 5.40 21.50 -20.14
C GLU B 450 6.00 22.86 -20.44
N ILE B 451 7.31 22.98 -20.26
CA ILE B 451 7.97 24.27 -20.36
C ILE B 451 7.55 24.99 -21.63
N GLU B 452 7.66 24.30 -22.77
CA GLU B 452 7.36 24.95 -24.07
C GLU B 452 5.96 25.56 -24.13
N PHE B 453 5.00 24.95 -23.43
CA PHE B 453 3.63 25.49 -23.31
C PHE B 453 3.52 26.72 -22.43
N ILE B 454 4.13 26.70 -21.25
CA ILE B 454 4.16 27.86 -20.32
C ILE B 454 4.82 29.03 -21.02
N PHE B 455 5.87 28.76 -21.79
CA PHE B 455 6.59 29.85 -22.46
C PHE B 455 5.87 30.37 -23.70
N GLY B 456 4.86 29.65 -24.16
CA GLY B 456 3.99 30.12 -25.25
C GLY B 456 4.48 29.78 -26.66
N LEU B 457 5.35 28.78 -26.77
CA LEU B 457 5.90 28.35 -28.06
C LEU B 457 4.83 27.91 -29.06
N PRO B 458 3.77 27.24 -28.62
CA PRO B 458 2.71 26.95 -29.58
C PRO B 458 2.09 28.16 -30.32
N LEU B 459 2.31 29.38 -29.85
CA LEU B 459 1.75 30.53 -30.54
C LEU B 459 2.54 30.91 -31.79
N ASP B 460 3.59 30.15 -32.05
CA ASP B 460 4.41 30.35 -33.24
C ASP B 460 3.88 29.45 -34.35
N PRO B 461 3.20 30.07 -35.35
CA PRO B 461 2.43 29.32 -36.36
C PRO B 461 3.33 28.33 -37.08
N SER B 462 4.60 28.72 -37.21
CA SER B 462 5.62 27.95 -37.88
C SER B 462 5.99 26.64 -37.20
N LEU B 463 5.66 26.50 -35.91
CA LEU B 463 6.18 25.37 -35.12
C LEU B 463 5.35 24.08 -35.17
N ASN B 464 4.19 24.12 -35.81
CA ASN B 464 3.40 22.91 -36.07
C ASN B 464 2.71 22.27 -34.86
N TYR B 465 2.39 23.10 -33.87
CA TYR B 465 1.55 22.64 -32.77
C TYR B 465 0.10 22.68 -33.25
N THR B 466 -0.72 21.70 -32.81
CA THR B 466 -2.15 21.75 -33.09
C THR B 466 -2.78 23.04 -32.59
N THR B 467 -3.94 23.36 -33.14
CA THR B 467 -4.62 24.62 -32.84
C THR B 467 -5.22 24.61 -31.43
N GLU B 468 -5.48 23.41 -30.90
CA GLU B 468 -5.93 23.27 -29.50
C GLU B 468 -4.76 23.60 -28.56
N GLU B 469 -3.58 23.07 -28.90
CA GLU B 469 -2.35 23.33 -28.17
C GLU B 469 -2.04 24.82 -28.04
N ARG B 470 -2.34 25.59 -29.09
CA ARG B 470 -2.14 27.03 -29.00
C ARG B 470 -3.07 27.64 -27.95
N ILE B 471 -4.32 27.19 -27.91
CA ILE B 471 -5.32 27.74 -26.96
C ILE B 471 -4.95 27.34 -25.52
N PHE B 472 -4.51 26.09 -25.36
CA PHE B 472 -3.93 25.57 -24.14
C PHE B 472 -2.76 26.43 -23.64
N ALA B 473 -1.80 26.69 -24.52
CA ALA B 473 -0.66 27.51 -24.18
C ALA B 473 -1.11 28.88 -23.69
N GLN B 474 -2.08 29.48 -24.38
CA GLN B 474 -2.61 30.77 -23.94
C GLN B 474 -3.12 30.72 -22.50
N ARG B 475 -3.91 29.69 -22.19
CA ARG B 475 -4.41 29.45 -20.83
C ARG B 475 -3.25 29.41 -19.83
N LEU B 476 -2.27 28.55 -20.09
CA LEU B 476 -1.13 28.40 -19.20
C LEU B 476 -0.41 29.72 -18.98
N MET B 477 -0.20 30.49 -20.05
CA MET B 477 0.49 31.75 -19.92
C MET B 477 -0.32 32.70 -19.06
N LYS B 478 -1.65 32.55 -19.10
CA LYS B 478 -2.54 33.41 -18.32
C LYS B 478 -2.46 33.03 -16.85
N TYR B 479 -2.40 31.72 -16.58
CA TYR B 479 -2.30 31.22 -15.22
C TYR B 479 -1.00 31.72 -14.60
N TRP B 480 0.12 31.44 -15.28
CA TRP B 480 1.44 31.84 -14.76
C TRP B 480 1.51 33.36 -14.51
N THR B 481 1.11 34.16 -15.50
CA THR B 481 1.25 35.62 -15.37
C THR B 481 0.22 36.22 -14.42
N ASN B 482 -0.96 35.59 -14.34
CA ASN B 482 -1.91 36.00 -13.30
C ASN B 482 -1.31 35.71 -11.95
N PHE B 483 -0.71 34.54 -11.81
CA PHE B 483 0.01 34.23 -10.60
C PHE B 483 1.10 35.26 -10.28
N ALA B 484 1.88 35.68 -11.26
CA ALA B 484 2.88 36.71 -11.04
C ALA B 484 2.27 38.05 -10.64
N ARG B 485 1.19 38.42 -11.32
CA ARG B 485 0.54 39.72 -11.08
C ARG B 485 -0.02 39.80 -9.69
N THR B 486 -0.68 38.72 -9.25
CA THR B 486 -1.59 38.80 -8.12
C THR B 486 -1.34 37.80 -6.99
N GLY B 487 -0.55 36.76 -7.23
CA GLY B 487 -0.35 35.75 -6.19
C GLY B 487 -1.36 34.63 -6.31
N ASP B 488 -2.22 34.72 -7.35
CA ASP B 488 -3.40 33.87 -7.58
C ASP B 488 -3.55 33.56 -9.10
N PRO B 489 -3.48 32.28 -9.53
CA PRO B 489 -3.47 31.99 -10.95
C PRO B 489 -4.82 32.17 -11.63
N ASN B 490 -5.87 32.42 -10.86
CA ASN B 490 -7.21 32.54 -11.40
C ASN B 490 -7.41 33.85 -12.12
N ASP B 491 -8.21 33.78 -13.18
CA ASP B 491 -8.53 34.90 -14.03
C ASP B 491 -9.76 35.63 -13.45
N PRO B 492 -9.57 36.84 -12.87
CA PRO B 492 -10.72 37.64 -12.34
C PRO B 492 -11.85 37.79 -13.38
N ARG B 493 -11.54 38.40 -14.54
CA ARG B 493 -12.44 38.37 -15.71
C ARG B 493 -12.61 36.93 -16.21
N ASP B 494 -13.66 36.25 -15.73
CA ASP B 494 -13.95 34.82 -16.04
C ASP B 494 -14.57 34.12 -14.81
N SER B 495 -15.45 33.14 -15.08
CA SER B 495 -16.39 32.61 -14.07
C SER B 495 -16.81 31.14 -14.30
N LYS B 496 -17.15 30.49 -13.16
CA LYS B 496 -17.89 29.19 -13.08
C LYS B 496 -17.07 27.94 -13.43
N SER B 497 -16.02 28.17 -14.22
CA SER B 497 -15.56 27.14 -15.16
C SER B 497 -14.09 26.74 -15.05
N PRO B 498 -13.75 26.03 -13.95
CA PRO B 498 -14.06 26.25 -12.54
C PRO B 498 -12.88 27.01 -11.89
N GLN B 499 -13.00 27.39 -10.64
CA GLN B 499 -11.90 28.08 -9.98
C GLN B 499 -10.79 27.11 -9.56
N TRP B 500 -9.54 27.59 -9.55
CA TRP B 500 -8.40 26.82 -9.06
C TRP B 500 -8.28 27.05 -7.52
N PRO B 501 -8.68 26.05 -6.70
CA PRO B 501 -8.60 26.27 -5.24
C PRO B 501 -7.16 26.17 -4.71
N PRO B 502 -6.84 26.98 -3.71
CA PRO B 502 -5.56 26.79 -2.99
C PRO B 502 -5.34 25.36 -2.51
N TYR B 503 -4.11 24.89 -2.56
CA TYR B 503 -3.76 23.62 -1.94
C TYR B 503 -3.72 23.80 -0.41
N THR B 504 -4.30 22.85 0.33
CA THR B 504 -4.33 22.89 1.81
C THR B 504 -4.02 21.50 2.37
N THR B 505 -3.55 21.42 3.60
CA THR B 505 -3.24 20.10 4.21
C THR B 505 -4.50 19.27 4.43
N ALA B 506 -5.60 19.96 4.77
CA ALA B 506 -6.91 19.34 4.92
C ALA B 506 -7.48 18.76 3.60
N ALA B 507 -7.80 19.64 2.65
CA ALA B 507 -8.49 19.26 1.44
C ALA B 507 -7.59 18.68 0.34
N GLN B 508 -6.32 19.10 0.30
CA GLN B 508 -5.30 18.61 -0.65
C GLN B 508 -5.71 18.72 -2.14
N GLN B 509 -6.25 19.87 -2.50
CA GLN B 509 -6.77 20.09 -3.83
C GLN B 509 -5.74 20.61 -4.80
N TYR B 510 -5.67 19.96 -5.95
CA TYR B 510 -4.85 20.43 -7.06
C TYR B 510 -5.69 20.36 -8.36
N VAL B 511 -5.17 20.92 -9.45
CA VAL B 511 -5.90 20.88 -10.70
C VAL B 511 -5.14 20.11 -11.77
N SER B 512 -5.85 19.47 -12.68
CA SER B 512 -5.22 18.91 -13.88
C SER B 512 -5.11 19.97 -14.96
N LEU B 513 -3.90 20.12 -15.51
CA LEU B 513 -3.65 21.01 -16.62
C LEU B 513 -3.54 20.11 -17.84
N ASN B 514 -4.55 20.20 -18.71
CA ASN B 514 -4.61 19.52 -20.02
C ASN B 514 -5.61 20.25 -20.95
N LEU B 515 -5.97 19.62 -22.06
CA LEU B 515 -6.85 20.30 -23.05
C LEU B 515 -8.26 20.53 -22.53
N LYS B 516 -8.79 19.60 -21.74
CA LYS B 516 -10.09 19.79 -21.08
C LYS B 516 -10.02 20.95 -20.07
N PRO B 517 -11.16 21.58 -19.74
CA PRO B 517 -11.10 22.64 -18.71
C PRO B 517 -10.60 22.10 -17.33
N LEU B 518 -10.21 23.00 -16.43
CA LEU B 518 -9.69 22.58 -15.11
C LEU B 518 -10.55 21.54 -14.41
N GLU B 519 -9.93 20.44 -14.02
CA GLU B 519 -10.60 19.49 -13.17
C GLU B 519 -9.96 19.60 -11.77
N VAL B 520 -10.75 19.69 -10.71
CA VAL B 520 -10.19 19.75 -9.36
C VAL B 520 -10.10 18.35 -8.76
N ARG B 521 -8.90 17.96 -8.33
CA ARG B 521 -8.69 16.67 -7.69
C ARG B 521 -8.15 16.83 -6.28
N ARG B 522 -8.30 15.79 -5.48
CA ARG B 522 -7.90 15.82 -4.10
C ARG B 522 -6.87 14.76 -3.84
N GLY B 523 -5.79 15.16 -3.16
CA GLY B 523 -4.74 14.23 -2.76
C GLY B 523 -3.79 13.85 -3.88
N LEU B 524 -2.52 14.14 -3.66
CA LEU B 524 -1.48 13.98 -4.65
C LEU B 524 -0.67 12.72 -4.40
N ARG B 525 -1.10 11.60 -4.97
CA ARG B 525 -0.53 10.29 -4.64
C ARG B 525 -0.53 10.09 -3.12
N ALA B 526 -1.62 10.51 -2.47
CA ALA B 526 -1.70 10.54 -1.02
C ALA B 526 -1.29 9.25 -0.32
N GLN B 527 -1.79 8.09 -0.77
CA GLN B 527 -1.40 6.81 -0.14
C GLN B 527 0.07 6.53 -0.40
N THR B 528 0.48 6.68 -1.66
CA THR B 528 1.85 6.34 -2.05
C THR B 528 2.88 7.31 -1.46
N CYS B 529 2.52 8.57 -1.28
CA CYS B 529 3.45 9.53 -0.70
C CYS B 529 3.58 9.38 0.80
N ALA B 530 2.51 8.91 1.44
CA ALA B 530 2.59 8.54 2.87
C ALA B 530 3.70 7.51 3.03
N PHE B 531 3.78 6.60 2.06
CA PHE B 531 4.81 5.58 2.02
C PHE B 531 6.23 6.19 1.97
N TRP B 532 6.46 7.08 1.01
CA TRP B 532 7.77 7.70 0.81
C TRP B 532 8.10 8.72 1.87
N ASN B 533 7.12 9.50 2.31
CA ASN B 533 7.40 10.61 3.19
C ASN B 533 7.28 10.25 4.67
N ARG B 534 6.52 9.20 4.98
CA ARG B 534 6.32 8.81 6.38
C ARG B 534 6.96 7.48 6.75
N PHE B 535 6.73 6.46 5.93
CA PHE B 535 7.22 5.14 6.31
C PHE B 535 8.67 4.94 5.96
N LEU B 536 9.03 5.26 4.74
CA LEU B 536 10.36 4.94 4.24
C LEU B 536 11.53 5.50 5.09
N PRO B 537 11.44 6.77 5.57
CA PRO B 537 12.52 7.26 6.46
C PRO B 537 12.75 6.35 7.66
N LYS B 538 11.68 5.92 8.31
CA LYS B 538 11.73 5.01 9.48
C LYS B 538 12.38 3.67 9.17
N LEU B 539 12.11 3.12 8.01
CA LEU B 539 12.70 1.85 7.61
C LEU B 539 14.22 1.97 7.56
N LEU B 540 14.70 2.78 6.62
CA LEU B 540 16.12 3.13 6.49
C LEU B 540 16.79 3.51 7.81
N SER B 541 16.15 4.38 8.61
CA SER B 541 16.70 4.73 9.92
C SER B 541 16.39 3.63 10.95
N ALA B 542 17.28 2.62 10.96
CA ALA B 542 17.06 1.25 11.51
C ALA B 542 17.23 0.29 10.33
N THR B 543 18.31 0.54 9.57
CA THR B 543 18.60 0.02 8.19
C THR B 543 17.51 -0.80 7.41
N ALA B 544 16.86 -0.26 6.49
O1 NTJ C . -13.63 -19.89 15.88
P1 NTJ C . -13.72 -18.60 15.26
N1 NTJ C . -12.57 -17.71 15.50
C2 NTJ C . -11.21 -18.20 15.69
C1 NTJ C . -12.76 -16.27 15.51
O2 NTJ C . -14.94 -17.91 15.59
C3 NTJ C . -15.45 -18.13 16.93
C4 NTJ C . -14.64 -17.52 18.08
O1 NTJ D . 16.98 19.37 -13.64
P1 NTJ D . 16.08 18.31 -13.97
N1 NTJ D . 16.22 17.16 -13.06
C2 NTJ D . 16.94 17.20 -11.80
C1 NTJ D . 15.60 15.88 -13.40
O2 NTJ D . 16.22 17.93 -15.36
C3 NTJ D . 17.52 17.38 -15.69
C4 NTJ D . 17.69 17.15 -17.18
O1 P6G E . -1.19 1.72 1.12
C2 P6G E . 0.09 1.97 1.45
C3 P6G E . 0.40 2.96 2.29
O4 P6G E . 1.77 3.27 2.68
C5 P6G E . 2.28 3.15 4.05
C6 P6G E . 3.01 2.10 4.50
O7 P6G E . 3.42 0.92 3.72
C8 P6G E . 4.45 0.03 4.27
C9 P6G E . 4.97 -1.06 3.69
O10 P6G E . 4.57 -1.54 2.38
C11 P6G E . 5.28 -2.60 1.74
C12 P6G E . 4.34 -3.63 1.08
O13 P6G E . 3.14 -3.05 0.54
C14 P6G E . 2.19 -3.90 -0.16
C15 P6G E . 1.09 -3.41 -0.76
O16 P6G E . 0.73 -2.01 -0.76
C17 P6G E . 0.43 -1.33 -2.02
C18 P6G E . -0.23 -0.16 -2.01
O19 P6G E . -0.52 0.50 -3.14
#